data_4N1X
#
_entry.id   4N1X
#
_cell.length_a   68.623
_cell.length_b   70.141
_cell.length_c   115.344
_cell.angle_alpha   90.00
_cell.angle_beta   96.39
_cell.angle_gamma   90.00
#
_symmetry.space_group_name_H-M   'P 1 21 1'
#
loop_
_entity.id
_entity.type
_entity.pdbx_description
1 polymer 'Peptidoglycan glycosyltransferase'
2 non-polymer 'OPEN FORM - PENICILLIN G'
3 water water
#
_entity_poly.entity_id   1
_entity_poly.type   'polypeptide(L)'
_entity_poly.pdbx_seq_one_letter_code
;(MSE)HHHHHHSSGVDLWSHPQFEKGTENLYFQSNATNNHTIAKSAYVQRGAIITSDGVTLAESVKQDDGTYVRNYPHDG
(MSE)ASHTVGYISTQYGTAGIESS(MSE)NETLTGHADHSDWRSALYS(MSE)AGINTTGSSVVLTINSQ(MSE)QAVA
EAALQGYSGSIVV(MSE)DPSTGAVLAKASSPSYTHAELGTIIESGTGSQLVDRTTQALYSPGSSFKTVTLAAGIDTHKT
TLDTTYSAPGT(MSE)EIGGGTIHNYANED(MSE)GTIPLREAFARSSNTALAQLGVALGADNLVSYARAFGYGTALGQD
FSTTPSL(MSE)PNPAE(MSE)TTWELAWASCGLPVGEHASPAGPQTTV(MSE)QNAVIAAAIANGGVV(MSE)NPYIVD
RVLSPEGAVVSTTSPKSLGQAVSADTAAQVREA(MSE)LGVVESGTG(MSE)GARVPGVKIAGKTGTADVENGNFNSFFI
GFAPYDHPTLVVSVVIEGNGENVLGYGAQVGGRVLAQCLNIQALGAAS
;
_entity_poly.pdbx_strand_id   A,B
#
loop_
_chem_comp.id
_chem_comp.type
_chem_comp.name
_chem_comp.formula
PNM non-polymer 'OPEN FORM - PENICILLIN G' 'C16 H20 N2 O4 S'
#
# COMPACT_ATOMS: atom_id res chain seq x y z
N SER A 41 18.67 46.04 -10.87
CA SER A 41 18.54 44.91 -9.92
C SER A 41 18.19 43.56 -10.60
N ALA A 42 17.80 43.64 -11.87
CA ALA A 42 17.51 42.46 -12.69
C ALA A 42 18.84 41.86 -13.18
N TYR A 43 19.97 42.54 -12.90
CA TYR A 43 21.32 42.03 -13.24
C TYR A 43 21.97 41.37 -12.04
N VAL A 44 21.22 41.36 -10.94
CA VAL A 44 21.57 40.75 -9.68
C VAL A 44 21.06 39.34 -9.75
N GLN A 45 21.93 38.38 -9.48
CA GLN A 45 21.53 36.98 -9.53
C GLN A 45 20.93 36.53 -8.21
N ARG A 46 19.73 36.00 -8.31
CA ARG A 46 18.95 35.51 -7.17
C ARG A 46 19.54 34.16 -6.79
N GLY A 47 19.50 33.81 -5.50
CA GLY A 47 20.04 32.52 -5.02
C GLY A 47 19.17 31.36 -5.48
N ALA A 48 19.56 30.14 -5.14
CA ALA A 48 18.81 28.96 -5.51
C ALA A 48 17.96 28.55 -4.34
N ILE A 49 17.06 27.61 -4.61
CA ILE A 49 16.17 26.97 -3.63
C ILE A 49 16.48 25.50 -3.83
N ILE A 50 17.01 24.82 -2.81
CA ILE A 50 17.36 23.44 -3.01
C ILE A 50 16.63 22.52 -2.01
N THR A 51 16.46 21.26 -2.34
CA THR A 51 15.87 20.32 -1.36
C THR A 51 16.99 19.84 -0.39
N SER A 52 16.60 19.20 0.72
CA SER A 52 17.52 18.67 1.73
C SER A 52 18.49 17.66 1.13
N ASP A 53 17.97 16.85 0.21
CA ASP A 53 18.75 15.84 -0.49
C ASP A 53 19.38 16.32 -1.80
N GLY A 54 19.62 17.63 -1.92
CA GLY A 54 20.34 18.25 -3.05
C GLY A 54 19.71 18.45 -4.43
N VAL A 55 18.38 18.49 -4.53
CA VAL A 55 17.68 18.70 -5.81
C VAL A 55 17.29 20.17 -5.92
N THR A 56 17.87 20.83 -6.92
CA THR A 56 17.64 22.25 -7.14
C THR A 56 16.34 22.42 -7.86
N LEU A 57 15.44 23.22 -7.28
CA LEU A 57 14.12 23.50 -7.83
C LEU A 57 13.98 24.93 -8.31
N ALA A 58 14.97 25.76 -8.04
CA ALA A 58 14.89 27.15 -8.51
C ALA A 58 16.30 27.70 -8.55
N GLU A 59 16.59 28.41 -9.63
CA GLU A 59 17.92 28.87 -9.85
C GLU A 59 17.88 29.99 -10.88
N SER A 60 18.90 30.86 -10.89
CA SER A 60 18.96 31.94 -11.86
C SER A 60 20.04 31.71 -12.92
N VAL A 61 19.66 31.97 -14.16
CA VAL A 61 20.51 31.81 -15.33
C VAL A 61 20.82 33.15 -16.03
N LYS A 62 22.12 33.50 -16.09
CA LYS A 62 22.56 34.74 -16.74
C LYS A 62 22.36 34.63 -18.25
N GLN A 63 21.59 35.53 -18.81
CA GLN A 63 21.37 35.56 -20.25
C GLN A 63 22.44 36.43 -20.93
N ASP A 64 22.61 36.25 -22.23
CA ASP A 64 23.60 37.02 -22.98
C ASP A 64 23.34 38.52 -22.81
N ASP A 65 22.07 38.85 -22.57
CA ASP A 65 21.62 40.20 -22.33
C ASP A 65 22.27 40.79 -21.06
N GLY A 66 22.53 39.94 -20.08
CA GLY A 66 23.11 40.33 -18.79
C GLY A 66 22.13 39.95 -17.68
N THR A 67 20.85 40.16 -17.95
CA THR A 67 19.80 39.85 -17.02
C THR A 67 19.75 38.35 -16.76
N TYR A 68 19.10 37.98 -15.67
CA TYR A 68 18.97 36.58 -15.27
C TYR A 68 17.55 36.07 -15.41
N VAL A 69 17.37 34.91 -16.02
CA VAL A 69 16.01 34.36 -16.12
C VAL A 69 15.86 33.32 -15.01
N ARG A 70 14.74 33.37 -14.28
CA ARG A 70 14.51 32.44 -13.19
C ARG A 70 14.04 31.15 -13.83
N ASN A 71 14.82 30.10 -13.62
CA ASN A 71 14.53 28.78 -14.14
C ASN A 71 14.04 27.88 -13.00
N TYR A 72 13.36 26.79 -13.34
CA TYR A 72 12.83 25.87 -12.35
C TYR A 72 12.94 24.43 -12.83
N PRO A 73 14.04 23.71 -12.49
CA PRO A 73 14.17 22.29 -12.83
C PRO A 73 13.09 21.51 -12.11
N HIS A 74 12.80 20.32 -12.62
CA HIS A 74 11.76 19.50 -12.08
C HIS A 74 10.49 20.31 -11.90
N ASP A 75 10.23 21.21 -12.83
CA ASP A 75 9.07 22.10 -12.79
C ASP A 75 7.82 21.28 -12.51
N GLY A 76 7.08 21.69 -11.50
CA GLY A 76 5.89 20.96 -11.11
C GLY A 76 6.06 20.25 -9.78
N MSE A 77 7.28 20.15 -9.28
CA MSE A 77 7.51 19.50 -7.99
C MSE A 77 7.45 20.53 -6.88
O MSE A 77 8.20 21.52 -6.90
CB MSE A 77 8.88 18.79 -7.91
CG MSE A 77 9.08 18.22 -6.50
SE MSE A 77 10.75 17.22 -6.18
CE MSE A 77 9.94 15.44 -6.48
N ALA A 78 6.62 20.31 -5.87
CA ALA A 78 6.49 21.23 -4.73
C ALA A 78 6.25 22.65 -5.19
N SER A 79 5.37 22.84 -6.17
CA SER A 79 5.15 24.17 -6.78
C SER A 79 4.70 25.23 -5.75
N HIS A 80 3.73 24.87 -4.91
CA HIS A 80 3.18 25.79 -3.94
C HIS A 80 4.17 26.19 -2.92
N THR A 81 5.09 25.28 -2.58
CA THR A 81 6.15 25.55 -1.61
C THR A 81 7.29 26.39 -2.17
N VAL A 82 7.80 26.01 -3.31
CA VAL A 82 8.82 26.77 -3.99
C VAL A 82 8.30 28.17 -4.27
N GLY A 83 7.08 28.26 -4.78
CA GLY A 83 6.49 29.58 -5.03
C GLY A 83 6.87 30.34 -6.28
N TYR A 84 6.49 31.61 -6.29
CA TYR A 84 6.64 32.47 -7.44
C TYR A 84 6.44 33.93 -7.05
N ILE A 85 6.96 34.82 -7.92
CA ILE A 85 6.81 36.27 -7.79
C ILE A 85 6.22 36.58 -9.15
N SER A 86 4.91 36.83 -9.17
CA SER A 86 4.20 37.11 -10.39
C SER A 86 3.32 38.35 -10.28
N THR A 87 3.38 39.25 -11.28
CA THR A 87 2.55 40.44 -11.27
C THR A 87 1.11 40.01 -11.27
N GLN A 88 0.85 39.06 -12.13
CA GLN A 88 -0.49 38.58 -12.37
C GLN A 88 -1.06 37.74 -11.26
N TYR A 89 -0.34 36.70 -10.83
CA TYR A 89 -0.80 35.74 -9.82
C TYR A 89 -0.39 36.00 -8.36
N GLY A 90 0.47 37.00 -8.15
CA GLY A 90 0.88 37.41 -6.81
C GLY A 90 2.20 36.75 -6.42
N THR A 91 2.40 36.59 -5.11
CA THR A 91 3.58 35.93 -4.59
C THR A 91 3.18 34.75 -3.69
N ALA A 92 4.08 33.77 -3.59
CA ALA A 92 3.79 32.60 -2.78
C ALA A 92 5.09 31.86 -2.51
N GLY A 93 5.05 31.08 -1.44
CA GLY A 93 6.20 30.27 -1.06
C GLY A 93 7.51 30.95 -0.71
N ILE A 94 8.56 30.14 -0.81
CA ILE A 94 9.92 30.52 -0.49
C ILE A 94 10.44 31.69 -1.31
N GLU A 95 10.12 31.71 -2.61
CA GLU A 95 10.47 32.81 -3.50
C GLU A 95 10.04 34.08 -2.83
N SER A 96 8.88 34.08 -2.19
CA SER A 96 8.44 35.26 -1.48
C SER A 96 8.69 35.30 0.03
N SER A 97 8.60 34.18 0.75
CA SER A 97 8.87 34.24 2.19
C SER A 97 10.37 34.39 2.44
N MSE A 98 11.25 34.05 1.49
CA MSE A 98 12.73 34.23 1.68
C MSE A 98 13.26 35.15 0.63
O MSE A 98 14.45 35.18 0.32
CB MSE A 98 13.64 32.99 1.59
CG MSE A 98 13.25 31.85 2.52
SE MSE A 98 13.66 32.30 4.40
CE MSE A 98 11.78 32.07 4.95
N ASN A 99 12.36 35.95 0.10
CA ASN A 99 12.72 36.85 -0.94
C ASN A 99 14.04 37.66 -0.75
N GLU A 100 14.17 38.33 0.40
CA GLU A 100 15.34 39.16 0.69
C GLU A 100 16.61 38.37 0.81
N THR A 101 16.50 37.14 1.29
CA THR A 101 17.66 36.27 1.41
C THR A 101 18.07 35.89 0.00
N LEU A 102 17.10 35.64 -0.84
CA LEU A 102 17.42 35.23 -2.20
C LEU A 102 17.85 36.42 -3.02
N THR A 103 17.21 37.56 -2.83
CA THR A 103 17.52 38.73 -3.66
C THR A 103 19.00 39.05 -3.64
N ASP A 110 29.70 51.84 -0.61
CA ASP A 110 30.42 52.13 -1.85
C ASP A 110 29.44 52.47 -2.94
N TRP A 111 29.93 53.32 -3.84
CA TRP A 111 29.18 53.76 -4.98
C TRP A 111 29.54 52.86 -6.19
N ARG A 112 29.62 51.55 -5.97
CA ARG A 112 29.81 50.63 -7.09
C ARG A 112 28.42 50.40 -7.54
N SER A 113 27.53 50.59 -6.57
CA SER A 113 26.10 50.54 -6.66
C SER A 113 25.43 51.28 -7.80
N ALA A 114 25.96 52.40 -8.25
CA ALA A 114 25.28 53.06 -9.33
C ALA A 114 25.27 52.20 -10.62
N LEU A 115 26.47 51.78 -11.01
CA LEU A 115 26.73 51.10 -12.28
C LEU A 115 26.07 49.78 -12.54
N TYR A 116 25.16 49.75 -13.51
CA TYR A 116 24.50 48.49 -13.78
C TYR A 116 25.50 47.45 -14.32
N SER A 117 26.58 47.93 -14.93
CA SER A 117 27.61 47.09 -15.52
C SER A 117 28.39 46.31 -14.54
N MSE A 118 28.34 46.70 -13.27
CA MSE A 118 29.07 46.00 -12.22
C MSE A 118 28.12 45.41 -11.24
O MSE A 118 28.51 44.81 -10.26
CB MSE A 118 29.99 46.92 -11.40
CG MSE A 118 30.84 47.82 -12.26
SE MSE A 118 32.34 48.66 -11.25
CE MSE A 118 31.18 49.76 -10.09
N ALA A 119 26.84 45.61 -11.47
CA ALA A 119 25.81 45.06 -10.56
C ALA A 119 25.93 43.54 -10.33
N GLY A 120 26.72 42.84 -11.15
CA GLY A 120 26.91 41.38 -10.98
C GLY A 120 28.26 40.97 -10.38
N ILE A 121 29.35 41.65 -10.77
CA ILE A 121 30.69 41.28 -10.30
C ILE A 121 30.75 41.34 -8.79
N ASN A 122 30.13 42.37 -8.25
CA ASN A 122 30.12 42.56 -6.82
C ASN A 122 29.33 41.52 -6.06
N THR A 123 28.16 41.12 -6.59
CA THR A 123 27.28 40.23 -5.83
C THR A 123 26.50 39.07 -6.48
N THR A 124 25.96 38.25 -5.57
CA THR A 124 25.08 37.09 -5.82
C THR A 124 24.19 36.86 -4.59
N GLY A 125 22.98 36.34 -4.77
CA GLY A 125 22.12 36.12 -3.63
C GLY A 125 22.44 34.82 -2.92
N SER A 126 22.14 34.75 -1.63
CA SER A 126 22.29 33.46 -0.87
C SER A 126 21.18 32.43 -1.24
N SER A 127 21.51 31.14 -1.18
CA SER A 127 20.57 30.08 -1.51
C SER A 127 19.90 29.56 -0.28
N VAL A 128 18.82 28.84 -0.51
CA VAL A 128 17.98 28.27 0.54
C VAL A 128 17.84 26.78 0.34
N VAL A 129 18.24 26.01 1.38
CA VAL A 129 18.14 24.57 1.39
C VAL A 129 16.91 24.25 2.24
N LEU A 130 15.93 23.60 1.61
CA LEU A 130 14.74 23.24 2.32
C LEU A 130 14.97 21.98 3.17
N THR A 131 13.92 21.65 3.94
CA THR A 131 13.80 20.45 4.78
C THR A 131 13.09 19.38 3.93
N ILE A 132 12.41 19.81 2.86
CA ILE A 132 11.76 18.90 1.94
C ILE A 132 12.74 17.89 1.37
N ASN A 133 12.35 16.65 1.40
CA ASN A 133 13.17 15.60 0.85
C ASN A 133 12.55 15.24 -0.48
N SER A 134 13.30 15.39 -1.56
CA SER A 134 12.70 15.17 -2.90
C SER A 134 12.00 13.84 -3.08
N GLN A 135 12.49 12.77 -2.48
CA GLN A 135 11.90 11.45 -2.62
C GLN A 135 10.55 11.31 -1.90
N MSE A 136 10.47 11.91 -0.70
CA MSE A 136 9.22 11.87 0.03
C MSE A 136 8.25 12.76 -0.68
O MSE A 136 7.06 12.49 -0.70
CB MSE A 136 9.44 12.32 1.46
CG MSE A 136 10.36 11.35 2.18
SE MSE A 136 10.27 11.78 4.10
CE MSE A 136 11.55 10.40 4.69
N GLN A 137 8.74 13.85 -1.24
CA GLN A 137 7.87 14.76 -1.99
C GLN A 137 7.19 14.07 -3.19
N ALA A 138 7.96 13.26 -3.92
CA ALA A 138 7.42 12.53 -5.07
C ALA A 138 6.36 11.55 -4.60
N VAL A 139 6.63 10.92 -3.45
CA VAL A 139 5.68 9.95 -2.86
C VAL A 139 4.34 10.64 -2.63
N ALA A 140 4.38 11.79 -1.98
CA ALA A 140 3.15 12.50 -1.69
C ALA A 140 2.47 12.95 -2.98
N GLU A 141 3.26 13.46 -3.93
CA GLU A 141 2.64 13.93 -5.18
C GLU A 141 2.00 12.83 -5.97
N ALA A 142 2.62 11.64 -5.97
CA ALA A 142 2.05 10.51 -6.69
C ALA A 142 0.74 10.03 -6.05
N ALA A 143 0.70 10.05 -4.71
CA ALA A 143 -0.51 9.64 -3.96
C ALA A 143 -1.68 10.59 -4.22
N LEU A 144 -1.41 11.85 -4.60
CA LEU A 144 -2.48 12.83 -4.93
C LEU A 144 -2.97 12.84 -6.40
N GLN A 145 -2.23 12.16 -7.26
CA GLN A 145 -2.60 12.11 -8.69
C GLN A 145 -4.05 11.70 -8.89
N GLY A 146 -4.83 12.52 -9.58
CA GLY A 146 -6.25 12.23 -9.85
C GLY A 146 -7.25 12.62 -8.77
N TYR A 147 -6.78 13.39 -7.78
CA TYR A 147 -7.64 13.86 -6.70
C TYR A 147 -7.26 15.28 -6.36
N SER A 148 -8.17 16.00 -5.71
CA SER A 148 -7.82 17.33 -5.16
C SER A 148 -7.69 17.08 -3.66
N GLY A 149 -6.75 17.75 -3.03
CA GLY A 149 -6.59 17.61 -1.61
C GLY A 149 -5.16 17.90 -1.27
N SER A 150 -4.68 17.35 -0.19
CA SER A 150 -3.31 17.64 0.17
C SER A 150 -2.77 16.69 1.19
N ILE A 151 -1.45 16.74 1.32
CA ILE A 151 -0.66 15.88 2.20
C ILE A 151 0.51 16.60 2.77
N VAL A 152 0.75 16.39 4.05
CA VAL A 152 1.92 16.93 4.68
C VAL A 152 2.57 15.77 5.42
N VAL A 153 3.91 15.72 5.40
CA VAL A 153 4.70 14.69 6.09
C VAL A 153 5.76 15.50 6.87
N MSE A 154 5.84 15.25 8.18
CA MSE A 154 6.71 15.98 9.07
C MSE A 154 7.39 15.16 10.11
O MSE A 154 6.94 14.09 10.48
CB MSE A 154 5.77 17.05 9.69
CG MSE A 154 5.67 17.13 11.20
SE MSE A 154 4.53 18.63 11.81
CE MSE A 154 4.84 19.89 10.37
N ASP A 155 8.55 15.64 10.55
CA ASP A 155 9.27 15.01 11.62
C ASP A 155 8.63 15.48 12.93
N PRO A 156 8.13 14.54 13.73
CA PRO A 156 7.44 14.92 14.94
C PRO A 156 8.24 15.52 16.03
N SER A 157 9.51 15.15 16.09
CA SER A 157 10.37 15.69 17.13
C SER A 157 10.85 17.15 16.87
N THR A 158 10.88 17.61 15.62
CA THR A 158 11.32 18.97 15.31
C THR A 158 10.31 19.82 14.52
N GLY A 159 9.30 19.19 13.87
CA GLY A 159 8.33 19.91 13.04
C GLY A 159 8.85 20.15 11.64
N ALA A 160 9.99 19.58 11.29
CA ALA A 160 10.56 19.75 9.94
C ALA A 160 9.53 19.14 8.96
N VAL A 161 9.19 19.90 7.91
CA VAL A 161 8.20 19.46 6.93
C VAL A 161 9.06 18.76 5.89
N LEU A 162 8.82 17.46 5.70
CA LEU A 162 9.61 16.68 4.76
C LEU A 162 8.96 16.47 3.43
N ALA A 163 7.62 16.61 3.36
CA ALA A 163 6.89 16.59 2.10
C ALA A 163 5.71 17.51 2.31
N LYS A 164 5.35 18.26 1.26
CA LYS A 164 4.23 19.16 1.38
C LYS A 164 3.73 19.28 0.00
N ALA A 165 2.49 18.81 -0.24
CA ALA A 165 1.92 18.80 -1.58
C ALA A 165 0.43 19.09 -1.60
N SER A 166 0.01 19.85 -2.61
CA SER A 166 -1.37 20.27 -2.80
C SER A 166 -1.79 19.88 -4.21
N SER A 167 -3.07 19.56 -4.40
CA SER A 167 -3.57 19.11 -5.68
C SER A 167 -5.00 19.63 -5.91
N PRO A 168 -5.29 20.07 -7.14
CA PRO A 168 -4.39 20.10 -8.30
C PRO A 168 -3.29 21.09 -8.16
N SER A 169 -2.25 20.89 -8.95
CA SER A 169 -1.11 21.77 -8.92
C SER A 169 -0.92 22.38 -10.31
N TYR A 170 0.25 22.97 -10.53
CA TYR A 170 0.56 23.62 -11.78
C TYR A 170 2.07 23.64 -11.92
N THR A 171 2.53 24.06 -13.08
CA THR A 171 3.96 24.23 -13.31
C THR A 171 4.17 25.72 -13.41
N HIS A 172 5.41 26.16 -13.19
CA HIS A 172 5.78 27.57 -13.34
C HIS A 172 5.58 27.96 -14.79
N ALA A 173 5.88 27.05 -15.71
CA ALA A 173 5.71 27.33 -17.12
C ALA A 173 4.28 27.82 -17.38
N GLU A 174 3.30 27.16 -16.76
CA GLU A 174 1.90 27.56 -16.89
C GLU A 174 1.55 28.96 -16.39
N LEU A 175 2.32 29.49 -15.45
CA LEU A 175 2.03 30.83 -14.95
C LEU A 175 2.20 31.77 -16.12
N GLY A 176 2.91 31.30 -17.15
CA GLY A 176 3.14 32.10 -18.33
C GLY A 176 1.88 32.22 -19.16
N THR A 177 0.82 31.53 -18.76
CA THR A 177 -0.44 31.56 -19.48
C THR A 177 -1.49 32.16 -18.56
N SER A 185 -8.39 27.24 -8.89
CA SER A 185 -8.26 26.17 -7.94
C SER A 185 -6.79 25.85 -7.67
N GLN A 186 -6.08 25.48 -8.74
CA GLN A 186 -4.65 25.07 -8.72
C GLN A 186 -3.76 25.90 -7.87
N LEU A 187 -3.93 27.22 -7.92
CA LEU A 187 -3.03 28.07 -7.15
C LEU A 187 -3.25 28.01 -5.63
N VAL A 188 -4.40 27.51 -5.16
CA VAL A 188 -4.61 27.45 -3.71
C VAL A 188 -3.69 26.38 -3.11
N ASP A 189 -2.94 26.73 -2.07
CA ASP A 189 -2.11 25.78 -1.33
C ASP A 189 -2.99 25.15 -0.28
N ARG A 190 -3.45 23.95 -0.60
CA ARG A 190 -4.38 23.28 0.30
C ARG A 190 -3.73 22.67 1.54
N THR A 191 -2.42 22.84 1.70
CA THR A 191 -1.82 22.35 2.87
C THR A 191 -1.93 23.39 3.96
N THR A 192 -1.92 24.67 3.57
CA THR A 192 -1.78 25.78 4.53
C THR A 192 -2.68 27.00 4.42
N GLN A 193 -3.37 27.17 3.30
CA GLN A 193 -4.12 28.36 3.05
C GLN A 193 -5.50 28.10 2.57
N ALA A 194 -6.01 26.94 2.99
CA ALA A 194 -7.38 26.59 2.74
C ALA A 194 -7.84 25.99 4.07
N LEU A 195 -9.02 26.39 4.50
CA LEU A 195 -9.59 25.85 5.75
C LEU A 195 -10.68 24.82 5.46
N TYR A 196 -10.79 23.79 6.32
CA TYR A 196 -11.71 22.73 6.20
C TYR A 196 -12.31 22.35 7.50
N SER A 197 -13.52 21.83 7.50
CA SER A 197 -14.06 21.25 8.73
C SER A 197 -13.23 19.94 8.93
N PRO A 198 -12.52 19.77 10.04
CA PRO A 198 -11.75 18.53 10.18
C PRO A 198 -12.56 17.25 10.42
N GLY A 199 -13.86 17.35 10.67
CA GLY A 199 -14.63 16.17 11.04
C GLY A 199 -13.95 15.45 12.22
N SER A 200 -14.06 14.13 12.21
CA SER A 200 -13.62 13.26 13.31
C SER A 200 -12.12 13.20 13.57
N SER A 201 -11.32 13.80 12.67
CA SER A 201 -9.92 13.86 12.93
C SER A 201 -9.71 14.75 14.15
N PHE A 202 -10.63 15.70 14.37
CA PHE A 202 -10.58 16.64 15.53
C PHE A 202 -10.75 16.01 16.91
N LYS A 203 -11.38 14.83 16.89
CA LYS A 203 -11.61 14.03 18.09
C LYS A 203 -10.35 13.68 18.77
N THR A 204 -9.24 13.69 18.07
CA THR A 204 -7.91 13.55 18.71
C THR A 204 -7.73 14.64 19.81
N VAL A 205 -8.16 15.85 19.52
CA VAL A 205 -8.07 16.93 20.51
C VAL A 205 -9.03 16.73 21.62
N THR A 206 -10.30 16.40 21.27
CA THR A 206 -11.24 16.17 22.34
C THR A 206 -10.77 15.09 23.33
N LEU A 207 -10.38 13.95 22.77
CA LEU A 207 -9.83 12.86 23.53
C LEU A 207 -8.64 13.28 24.42
N ALA A 208 -7.63 13.96 23.84
CA ALA A 208 -6.44 14.42 24.56
C ALA A 208 -6.80 15.37 25.73
N ALA A 209 -7.81 16.21 25.52
CA ALA A 209 -8.27 17.14 26.55
C ALA A 209 -8.98 16.39 27.73
N GLY A 210 -9.84 15.45 27.36
CA GLY A 210 -10.61 14.70 28.35
C GLY A 210 -9.68 13.90 29.22
N ILE A 211 -8.62 13.35 28.64
CA ILE A 211 -7.69 12.54 29.43
C ILE A 211 -6.77 13.40 30.27
N ASP A 212 -6.23 14.48 29.69
CA ASP A 212 -5.35 15.38 30.33
C ASP A 212 -5.99 16.13 31.48
N THR A 213 -7.29 16.40 31.39
CA THR A 213 -7.94 17.08 32.48
C THR A 213 -8.38 16.09 33.52
N HIS A 214 -8.14 14.82 33.26
CA HIS A 214 -8.51 13.79 34.22
C HIS A 214 -10.01 13.66 34.43
N LYS A 215 -10.76 13.87 33.35
CA LYS A 215 -12.24 13.72 33.32
C LYS A 215 -12.65 12.39 32.73
N THR A 216 -11.70 11.66 32.16
CA THR A 216 -12.07 10.36 31.60
C THR A 216 -10.83 9.51 31.37
N THR A 217 -11.02 8.24 30.97
CA THR A 217 -9.93 7.32 30.65
C THR A 217 -10.35 6.49 29.44
N LEU A 218 -9.40 5.82 28.83
CA LEU A 218 -9.71 5.00 27.65
C LEU A 218 -10.67 3.86 27.94
N ASP A 219 -10.68 3.36 29.18
CA ASP A 219 -11.56 2.23 29.57
C ASP A 219 -12.87 2.66 30.21
N THR A 220 -13.07 3.96 30.33
CA THR A 220 -14.33 4.52 30.87
C THR A 220 -15.39 4.24 29.84
N THR A 221 -16.52 3.68 30.26
CA THR A 221 -17.57 3.38 29.30
C THR A 221 -18.45 4.59 28.98
N TYR A 222 -18.96 4.58 27.74
CA TYR A 222 -19.87 5.57 27.23
C TYR A 222 -21.02 4.85 26.51
N SER A 223 -22.16 5.52 26.52
CA SER A 223 -23.31 5.14 25.78
C SER A 223 -23.04 5.69 24.38
N ALA A 224 -23.23 4.87 23.34
CA ALA A 224 -22.98 5.30 21.97
C ALA A 224 -24.18 4.91 21.08
N PRO A 225 -25.34 5.49 21.40
CA PRO A 225 -26.52 5.21 20.65
C PRO A 225 -26.53 5.83 19.28
N GLY A 226 -27.46 5.36 18.45
CA GLY A 226 -27.60 5.84 17.09
C GLY A 226 -27.90 7.31 16.95
N THR A 227 -28.64 7.85 17.91
CA THR A 227 -28.99 9.24 17.86
C THR A 227 -29.19 9.55 19.34
N MSE A 228 -29.06 10.80 19.71
CA MSE A 228 -29.19 11.23 21.09
C MSE A 228 -29.50 12.68 20.98
O MSE A 228 -29.21 13.30 19.97
CB MSE A 228 -27.81 11.13 21.80
CG MSE A 228 -27.75 10.69 23.25
SE MSE A 228 -25.83 11.01 23.80
CE MSE A 228 -26.00 12.19 25.39
N GLU A 229 -30.12 13.22 22.01
CA GLU A 229 -30.49 14.62 22.01
C GLU A 229 -29.53 15.32 22.94
N ILE A 230 -28.86 16.37 22.44
CA ILE A 230 -27.88 17.11 23.24
C ILE A 230 -28.14 18.57 23.08
N GLY A 231 -28.45 19.23 24.19
CA GLY A 231 -28.69 20.66 24.22
C GLY A 231 -29.71 21.15 23.23
N GLY A 232 -30.83 20.42 23.17
CA GLY A 232 -31.96 20.75 22.31
C GLY A 232 -31.85 20.29 20.88
N GLY A 233 -30.72 19.68 20.54
CA GLY A 233 -30.50 19.22 19.17
C GLY A 233 -30.19 17.75 19.09
N THR A 234 -30.15 17.19 17.89
CA THR A 234 -29.86 15.79 17.72
C THR A 234 -28.50 15.49 17.14
N ILE A 235 -27.64 14.87 17.96
CA ILE A 235 -26.33 14.41 17.52
C ILE A 235 -26.57 12.99 17.02
N HIS A 236 -25.86 12.55 15.99
CA HIS A 236 -26.03 11.20 15.51
C HIS A 236 -24.76 10.49 15.06
N ASN A 237 -24.69 9.18 15.29
CA ASN A 237 -23.56 8.42 14.81
C ASN A 237 -23.67 8.25 13.33
N TYR A 238 -22.55 7.97 12.68
CA TYR A 238 -22.62 7.76 11.27
C TYR A 238 -23.70 6.67 10.98
N ALA A 239 -24.49 6.86 9.94
CA ALA A 239 -25.63 5.89 9.66
C ALA A 239 -26.51 5.49 10.87
N ASN A 240 -26.62 6.39 11.82
CA ASN A 240 -27.36 6.19 13.06
C ASN A 240 -27.12 4.78 13.63
N GLU A 241 -25.83 4.45 13.76
CA GLU A 241 -25.48 3.15 14.29
C GLU A 241 -25.53 3.14 15.81
N ASP A 242 -26.36 2.27 16.37
CA ASP A 242 -26.43 2.14 17.80
C ASP A 242 -25.34 1.16 18.22
N MSE A 243 -24.25 1.68 18.82
CA MSE A 243 -23.12 0.82 19.27
C MSE A 243 -23.21 0.33 20.72
O MSE A 243 -22.33 -0.37 21.21
CB MSE A 243 -21.82 1.60 19.15
CG MSE A 243 -21.63 2.25 17.79
SE MSE A 243 -19.85 3.02 17.74
CE MSE A 243 -19.86 4.00 16.03
N GLY A 244 -24.29 0.70 21.40
CA GLY A 244 -24.50 0.38 22.81
C GLY A 244 -23.49 1.06 23.71
N THR A 245 -23.21 0.41 24.83
CA THR A 245 -22.31 0.91 25.86
C THR A 245 -20.97 0.33 25.56
N ILE A 246 -19.98 1.18 25.32
CA ILE A 246 -18.66 0.70 24.99
C ILE A 246 -17.58 1.62 25.58
N PRO A 247 -16.38 1.07 25.79
CA PRO A 247 -15.27 1.89 26.32
C PRO A 247 -14.87 3.00 25.37
N LEU A 248 -14.34 4.08 25.92
CA LEU A 248 -13.94 5.22 25.13
C LEU A 248 -12.93 4.84 24.05
N ARG A 249 -12.06 3.89 24.30
CA ARG A 249 -11.11 3.49 23.28
C ARG A 249 -11.81 2.99 22.03
N GLU A 250 -12.85 2.22 22.25
CA GLU A 250 -13.68 1.62 21.18
C GLU A 250 -14.55 2.67 20.50
N ALA A 251 -15.10 3.61 21.27
CA ALA A 251 -15.86 4.75 20.67
C ALA A 251 -14.97 5.59 19.80
N PHE A 252 -13.71 5.76 20.23
CA PHE A 252 -12.74 6.53 19.44
C PHE A 252 -12.40 5.73 18.15
N ALA A 253 -12.03 4.46 18.30
CA ALA A 253 -11.70 3.57 17.17
C ALA A 253 -12.78 3.51 16.10
N ARG A 254 -14.02 3.35 16.56
CA ARG A 254 -15.18 3.29 15.65
C ARG A 254 -15.73 4.66 15.30
N SER A 255 -15.13 5.70 15.88
CA SER A 255 -15.54 7.08 15.62
C SER A 255 -17.04 7.38 15.88
N SER A 256 -17.48 7.10 17.08
CA SER A 256 -18.79 7.48 17.47
C SER A 256 -18.88 8.97 17.80
N ASN A 257 -19.80 9.67 17.16
CA ASN A 257 -20.09 11.07 17.42
C ASN A 257 -20.86 11.20 18.72
N THR A 258 -21.80 10.29 19.00
CA THR A 258 -22.57 10.38 20.22
C THR A 258 -21.67 10.31 21.47
N ALA A 259 -20.67 9.41 21.47
CA ALA A 259 -19.81 9.24 22.60
C ALA A 259 -18.86 10.38 22.75
N LEU A 260 -18.20 10.78 21.65
CA LEU A 260 -17.24 11.90 21.71
C LEU A 260 -17.89 13.27 22.04
N ALA A 261 -19.14 13.44 21.62
CA ALA A 261 -19.94 14.64 21.92
C ALA A 261 -20.19 14.72 23.44
N GLN A 262 -20.36 13.61 24.13
CA GLN A 262 -20.54 13.65 25.61
C GLN A 262 -19.23 14.09 26.28
N LEU A 263 -18.11 13.62 25.74
CA LEU A 263 -16.78 14.03 26.24
C LEU A 263 -16.66 15.52 26.05
N GLY A 264 -16.99 16.03 24.84
CA GLY A 264 -17.04 17.45 24.54
C GLY A 264 -17.84 18.29 25.52
N VAL A 265 -19.10 17.89 25.76
CA VAL A 265 -19.96 18.56 26.67
C VAL A 265 -19.38 18.50 28.09
N ALA A 266 -18.83 17.35 28.52
CA ALA A 266 -18.24 17.25 29.89
C ALA A 266 -17.03 18.22 30.03
N LEU A 267 -16.25 18.35 28.98
CA LEU A 267 -15.08 19.22 29.00
C LEU A 267 -15.47 20.68 29.12
N GLY A 268 -16.50 21.08 28.41
CA GLY A 268 -16.90 22.49 28.41
C GLY A 268 -16.18 23.24 27.31
N ALA A 269 -16.72 24.38 26.93
CA ALA A 269 -16.18 25.16 25.86
C ALA A 269 -14.82 25.74 26.17
N ASP A 270 -14.63 26.24 27.41
CA ASP A 270 -13.34 26.79 27.77
C ASP A 270 -12.26 25.75 27.60
N ASN A 271 -12.47 24.55 28.10
CA ASN A 271 -11.45 23.51 27.94
C ASN A 271 -11.21 23.09 26.47
N LEU A 272 -12.29 22.97 25.69
CA LEU A 272 -12.10 22.49 24.33
C LEU A 272 -11.31 23.53 23.53
N VAL A 273 -11.61 24.82 23.74
CA VAL A 273 -10.90 25.90 23.01
C VAL A 273 -9.44 26.02 23.47
N SER A 274 -9.21 26.04 24.78
CA SER A 274 -7.91 26.14 25.33
C SER A 274 -6.99 25.03 24.84
N TYR A 275 -7.48 23.78 24.84
CA TYR A 275 -6.70 22.67 24.32
C TYR A 275 -6.55 22.80 22.79
N ALA A 276 -7.57 23.22 22.06
CA ALA A 276 -7.36 23.38 20.63
C ALA A 276 -6.25 24.39 20.38
N ARG A 277 -6.25 25.50 21.14
CA ARG A 277 -5.25 26.57 21.00
C ARG A 277 -3.84 26.11 21.43
N ALA A 278 -3.78 25.27 22.46
CA ALA A 278 -2.46 24.76 22.94
C ALA A 278 -1.85 23.87 21.83
N PHE A 279 -2.72 23.26 21.01
CA PHE A 279 -2.26 22.46 19.85
C PHE A 279 -1.93 23.30 18.65
N GLY A 280 -2.10 24.62 18.77
CA GLY A 280 -1.83 25.53 17.66
C GLY A 280 -2.94 26.36 17.07
N TYR A 281 -4.19 26.01 17.32
CA TYR A 281 -5.29 26.84 16.78
C TYR A 281 -5.15 28.27 17.19
N GLY A 282 -5.35 29.19 16.23
CA GLY A 282 -5.19 30.65 16.41
C GLY A 282 -3.77 31.14 16.11
N THR A 283 -2.84 30.22 15.81
CA THR A 283 -1.46 30.56 15.47
C THR A 283 -1.20 30.42 13.97
N ALA A 284 -0.41 31.33 13.37
CA ALA A 284 -0.07 31.27 11.94
C ALA A 284 1.18 30.41 11.91
N LEU A 285 0.94 29.14 11.94
CA LEU A 285 1.98 28.13 11.99
C LEU A 285 3.03 28.24 10.90
N GLY A 286 4.28 27.99 11.30
CA GLY A 286 5.37 28.02 10.35
C GLY A 286 6.37 29.09 10.72
N GLN A 287 7.62 28.70 10.92
CA GLN A 287 8.56 29.67 11.30
C GLN A 287 8.92 30.46 10.09
N ASP A 288 8.89 29.81 8.93
CA ASP A 288 9.38 30.37 7.68
C ASP A 288 8.51 30.11 6.47
N PHE A 289 7.24 29.96 6.74
CA PHE A 289 6.24 29.81 5.68
C PHE A 289 4.95 30.28 6.27
N SER A 290 4.01 30.63 5.42
CA SER A 290 2.69 31.19 5.82
C SER A 290 1.61 30.18 5.89
N THR A 291 0.94 30.07 7.04
CA THR A 291 -0.23 29.20 7.24
C THR A 291 -1.39 30.05 7.81
N THR A 292 -2.60 29.84 7.33
CA THR A 292 -3.69 30.63 7.87
C THR A 292 -4.08 29.98 9.18
N PRO A 293 -4.24 30.79 10.24
CA PRO A 293 -4.57 30.16 11.47
C PRO A 293 -5.82 29.30 11.49
N SER A 294 -5.76 28.20 12.21
CA SER A 294 -6.98 27.38 12.38
C SER A 294 -7.85 28.10 13.41
N LEU A 295 -9.18 27.91 13.29
CA LEU A 295 -10.13 28.71 14.04
C LEU A 295 -11.06 27.98 14.98
N MSE A 296 -11.33 28.62 16.12
CA MSE A 296 -12.27 28.10 17.10
C MSE A 296 -13.07 29.32 17.51
O MSE A 296 -12.59 30.44 17.38
CB MSE A 296 -11.55 27.60 18.35
CG MSE A 296 -10.77 26.28 18.19
SE MSE A 296 -12.06 24.82 17.77
CE MSE A 296 -12.99 24.42 19.46
N PRO A 297 -14.28 29.11 18.01
CA PRO A 297 -14.99 30.30 18.49
C PRO A 297 -14.48 30.84 19.80
N ASN A 298 -15.08 31.96 20.17
CA ASN A 298 -14.89 32.53 21.50
C ASN A 298 -15.79 31.57 22.31
N PRO A 299 -15.22 30.86 23.28
CA PRO A 299 -15.97 29.85 24.08
C PRO A 299 -17.27 30.38 24.71
N ALA A 300 -17.24 31.66 25.09
CA ALA A 300 -18.40 32.29 25.73
C ALA A 300 -19.59 32.41 24.79
N GLU A 301 -19.34 32.40 23.49
CA GLU A 301 -20.42 32.51 22.56
C GLU A 301 -20.92 31.13 22.18
N MSE A 302 -20.30 30.06 22.67
CA MSE A 302 -20.76 28.73 22.23
C MSE A 302 -22.00 28.19 22.89
O MSE A 302 -22.29 28.48 24.00
CB MSE A 302 -19.66 27.70 22.42
CG MSE A 302 -18.51 28.01 21.45
SE MSE A 302 -16.95 26.80 21.58
CE MSE A 302 -17.83 25.31 20.62
N THR A 303 -22.74 27.36 22.20
CA THR A 303 -23.90 26.73 22.85
C THR A 303 -23.55 25.28 23.12
N THR A 304 -24.33 24.60 23.93
CA THR A 304 -24.05 23.21 24.25
C THR A 304 -24.11 22.33 22.98
N TRP A 305 -25.11 22.55 22.12
CA TRP A 305 -25.20 21.80 20.87
C TRP A 305 -24.00 22.11 19.99
N GLU A 306 -23.67 23.37 19.86
CA GLU A 306 -22.52 23.75 19.04
C GLU A 306 -21.27 23.04 19.56
N LEU A 307 -21.16 22.95 20.88
CA LEU A 307 -19.97 22.39 21.53
C LEU A 307 -19.95 20.90 21.26
N ALA A 308 -21.11 20.29 21.27
CA ALA A 308 -21.23 18.87 21.01
C ALA A 308 -20.64 18.49 19.61
N TRP A 309 -20.98 19.23 18.57
CA TRP A 309 -20.50 18.92 17.24
C TRP A 309 -19.13 19.38 16.99
N ALA A 310 -18.75 20.48 17.65
CA ALA A 310 -17.39 21.02 17.56
C ALA A 310 -16.42 19.95 18.07
N SER A 311 -16.89 19.18 19.08
CA SER A 311 -16.09 18.13 19.70
C SER A 311 -15.89 16.92 18.78
N CYS A 312 -16.73 16.82 17.75
CA CYS A 312 -16.63 15.81 16.69
C CYS A 312 -16.05 16.39 15.39
N GLY A 313 -15.66 17.65 15.46
CA GLY A 313 -15.03 18.32 14.34
C GLY A 313 -15.88 19.09 13.38
N LEU A 314 -17.16 19.19 13.70
CA LEU A 314 -18.06 19.95 12.85
C LEU A 314 -18.34 21.36 13.37
N PRO A 315 -18.13 22.31 12.53
CA PRO A 315 -18.42 23.65 13.05
C PRO A 315 -19.82 24.09 12.70
N VAL A 316 -20.67 24.35 13.71
CA VAL A 316 -22.09 24.74 13.47
C VAL A 316 -22.47 26.09 14.13
N GLY A 317 -21.52 26.71 14.82
CA GLY A 317 -21.74 27.97 15.54
C GLY A 317 -22.30 29.15 14.75
N GLU A 318 -23.15 29.92 15.39
CA GLU A 318 -23.75 31.10 14.80
C GLU A 318 -23.53 32.22 15.77
N HIS A 319 -22.53 33.02 15.55
CA HIS A 319 -22.25 34.08 16.48
C HIS A 319 -21.21 34.96 15.87
N ALA A 320 -20.82 35.99 16.60
CA ALA A 320 -19.87 36.96 16.10
C ALA A 320 -18.49 36.37 15.76
N SER A 321 -18.00 35.48 16.62
CA SER A 321 -16.73 34.83 16.44
C SER A 321 -16.91 33.71 15.43
N PRO A 322 -15.81 33.28 14.81
CA PRO A 322 -15.98 32.21 13.85
C PRO A 322 -16.44 30.87 14.43
N ALA A 323 -17.17 30.16 13.55
CA ALA A 323 -17.56 28.78 13.82
C ALA A 323 -16.27 27.95 13.79
N GLY A 324 -16.27 26.88 14.57
CA GLY A 324 -15.15 25.98 14.62
C GLY A 324 -15.46 24.61 15.10
N PRO A 325 -14.53 23.65 14.90
CA PRO A 325 -13.25 23.98 14.34
C PRO A 325 -13.16 24.07 12.79
N GLN A 326 -12.23 24.90 12.32
CA GLN A 326 -11.89 25.04 10.90
C GLN A 326 -10.35 24.91 10.90
N THR A 327 -9.83 23.89 10.21
CA THR A 327 -8.42 23.60 10.23
C THR A 327 -7.75 23.63 8.88
N THR A 328 -6.42 23.74 8.94
CA THR A 328 -5.58 23.54 7.78
C THR A 328 -5.05 22.11 7.94
N VAL A 329 -4.62 21.52 6.84
CA VAL A 329 -3.98 20.24 6.82
C VAL A 329 -2.67 20.21 7.66
N MSE A 330 -1.96 21.33 7.66
CA MSE A 330 -0.75 21.57 8.39
C MSE A 330 -1.03 21.54 9.88
O MSE A 330 -0.22 20.98 10.63
CB MSE A 330 -0.12 22.89 7.94
CG MSE A 330 1.14 23.34 8.63
SE MSE A 330 2.59 22.06 8.26
CE MSE A 330 2.73 22.39 6.35
N GLN A 331 -2.10 22.18 10.32
CA GLN A 331 -2.49 22.17 11.73
C GLN A 331 -2.80 20.70 12.15
N ASN A 332 -3.49 19.98 11.30
CA ASN A 332 -3.75 18.55 11.56
C ASN A 332 -2.42 17.79 11.78
N ALA A 333 -1.45 18.03 10.95
CA ALA A 333 -0.12 17.43 11.16
C ALA A 333 0.52 17.82 12.49
N VAL A 334 0.36 19.08 12.90
CA VAL A 334 1.01 19.57 14.15
C VAL A 334 0.38 18.82 15.37
N ILE A 335 -0.90 18.54 15.30
CA ILE A 335 -1.61 17.77 16.34
C ILE A 335 -1.07 16.33 16.43
N ALA A 336 -0.94 15.68 15.28
CA ALA A 336 -0.41 14.32 15.20
C ALA A 336 1.02 14.27 15.71
N ALA A 337 1.79 15.30 15.37
CA ALA A 337 3.18 15.35 15.75
C ALA A 337 3.40 15.56 17.28
N ALA A 338 2.63 16.46 17.84
CA ALA A 338 2.67 16.74 19.26
C ALA A 338 2.19 15.45 20.02
N ILE A 339 1.22 14.72 19.51
CA ILE A 339 0.85 13.48 20.18
C ILE A 339 1.98 12.45 20.07
N ALA A 340 2.54 12.30 18.89
CA ALA A 340 3.65 11.39 18.69
C ALA A 340 4.83 11.83 19.48
N ASN A 341 4.95 13.13 19.73
CA ASN A 341 6.09 13.75 20.43
C ASN A 341 5.95 14.00 21.97
N GLY A 342 5.20 13.17 22.70
CA GLY A 342 5.06 13.35 24.16
C GLY A 342 4.39 14.64 24.63
N GLY A 343 3.53 15.13 23.75
CA GLY A 343 2.76 16.31 23.98
C GLY A 343 3.38 17.62 23.66
N VAL A 344 4.62 17.62 23.22
CA VAL A 344 5.35 18.90 22.92
C VAL A 344 5.05 19.24 21.45
N VAL A 345 4.48 20.43 21.27
CA VAL A 345 4.08 20.93 20.01
C VAL A 345 5.23 21.70 19.38
N MSE A 346 5.53 21.47 18.12
CA MSE A 346 6.63 22.19 17.49
C MSE A 346 6.05 23.10 16.43
O MSE A 346 5.09 22.75 15.79
CB MSE A 346 7.63 21.23 16.85
CG MSE A 346 8.22 20.19 17.80
SE MSE A 346 9.17 20.99 19.34
CE MSE A 346 10.68 21.80 18.34
N ASN A 347 6.68 24.27 16.27
CA ASN A 347 6.29 25.22 15.22
C ASN A 347 6.90 24.70 13.93
N PRO A 348 6.07 24.18 13.02
CA PRO A 348 6.70 23.63 11.78
C PRO A 348 7.60 24.62 11.02
N TYR A 349 8.55 24.08 10.26
CA TYR A 349 9.49 24.86 9.48
C TYR A 349 9.83 24.09 8.23
N ILE A 350 10.21 24.83 7.23
CA ILE A 350 10.56 24.22 5.97
C ILE A 350 11.94 24.65 5.36
N VAL A 351 12.65 25.57 6.03
CA VAL A 351 14.03 25.98 5.55
C VAL A 351 14.98 25.39 6.53
N ASP A 352 15.95 24.61 6.06
CA ASP A 352 16.97 23.97 7.00
C ASP A 352 18.08 24.94 7.27
N ARG A 353 18.56 25.53 6.19
CA ARG A 353 19.71 26.40 6.29
C ARG A 353 19.83 27.31 5.07
N VAL A 354 20.64 28.33 5.20
CA VAL A 354 20.84 29.31 4.13
C VAL A 354 22.26 29.26 3.78
N LEU A 355 22.56 29.35 2.48
CA LEU A 355 23.95 29.30 2.06
C LEU A 355 24.34 30.49 1.24
N SER A 356 25.59 30.89 1.41
CA SER A 356 26.17 31.98 0.66
C SER A 356 26.51 31.41 -0.70
N PRO A 357 26.72 32.28 -1.68
CA PRO A 357 27.08 31.76 -3.00
C PRO A 357 28.31 30.88 -2.95
N GLU A 358 29.11 31.02 -1.91
CA GLU A 358 30.34 30.24 -1.79
C GLU A 358 30.06 28.77 -1.40
N GLY A 359 28.78 28.40 -1.30
CA GLY A 359 28.38 27.05 -0.89
C GLY A 359 28.66 26.89 0.59
N ALA A 360 28.50 27.98 1.33
CA ALA A 360 28.79 28.05 2.78
C ALA A 360 27.56 28.36 3.61
N VAL A 361 27.56 27.82 4.82
CA VAL A 361 26.42 27.96 5.72
C VAL A 361 26.31 29.30 6.42
N VAL A 362 25.30 30.06 6.04
CA VAL A 362 25.06 31.37 6.60
C VAL A 362 24.17 31.36 7.85
N SER A 363 23.35 30.33 8.00
CA SER A 363 22.48 30.19 9.15
C SER A 363 21.80 28.86 9.05
N THR A 364 21.32 28.41 10.19
CA THR A 364 20.59 27.18 10.28
C THR A 364 19.38 27.42 11.12
N THR A 365 18.27 26.81 10.75
CA THR A 365 17.09 26.99 11.51
C THR A 365 17.19 26.20 12.80
N SER A 366 16.66 26.75 13.88
CA SER A 366 16.55 25.94 15.08
C SER A 366 15.04 25.53 15.24
N PRO A 367 14.81 24.29 15.60
CA PRO A 367 13.50 23.81 15.95
C PRO A 367 13.04 24.59 17.20
N LYS A 368 11.79 24.98 17.28
CA LYS A 368 11.28 25.76 18.39
C LYS A 368 9.90 25.21 18.80
N SER A 369 9.63 25.17 20.09
CA SER A 369 8.35 24.61 20.59
C SER A 369 7.29 25.68 20.78
N LEU A 370 6.05 25.31 20.57
CA LEU A 370 4.91 26.18 20.80
C LEU A 370 4.32 25.82 22.19
N GLY A 371 5.05 25.02 22.94
CA GLY A 371 4.56 24.67 24.25
C GLY A 371 4.14 23.24 24.42
N GLN A 372 3.75 22.89 25.62
CA GLN A 372 3.39 21.51 25.84
C GLN A 372 1.90 21.47 25.95
N ALA A 373 1.23 20.91 24.94
CA ALA A 373 -0.24 20.92 24.94
C ALA A 373 -0.88 19.95 25.93
N VAL A 374 -0.36 18.72 26.04
CA VAL A 374 -0.89 17.72 27.00
C VAL A 374 0.37 17.09 27.62
N SER A 375 0.25 16.38 28.73
CA SER A 375 1.43 15.77 29.36
C SER A 375 1.88 14.56 28.59
N ALA A 376 3.07 14.10 28.86
CA ALA A 376 3.59 12.89 28.24
C ALA A 376 2.66 11.70 28.46
N ASP A 377 2.18 11.53 29.69
CA ASP A 377 1.27 10.40 30.05
C ASP A 377 0.02 10.48 29.20
N THR A 378 -0.50 11.69 29.01
CA THR A 378 -1.68 11.89 28.18
C THR A 378 -1.38 11.50 26.72
N ALA A 379 -0.25 11.93 26.20
CA ALA A 379 0.08 11.65 24.84
C ALA A 379 0.23 10.14 24.56
N ALA A 380 0.80 9.41 25.52
CA ALA A 380 0.95 7.99 25.39
C ALA A 380 -0.43 7.31 25.28
N GLN A 381 -1.42 7.79 26.03
CA GLN A 381 -2.80 7.19 25.96
C GLN A 381 -3.46 7.52 24.61
N VAL A 382 -3.21 8.73 24.10
CA VAL A 382 -3.75 9.16 22.82
C VAL A 382 -3.17 8.33 21.68
N ARG A 383 -1.87 8.06 21.76
CA ARG A 383 -1.15 7.22 20.80
C ARG A 383 -1.70 5.82 20.79
N GLU A 384 -1.93 5.27 21.97
CA GLU A 384 -2.53 3.93 22.11
C GLU A 384 -3.93 3.92 21.49
N ALA A 385 -4.71 4.95 21.73
CA ALA A 385 -6.05 5.07 21.11
C ALA A 385 -5.99 5.16 19.59
N MSE A 386 -5.02 5.91 19.05
CA MSE A 386 -4.89 6.02 17.62
C MSE A 386 -4.42 4.72 17.01
O MSE A 386 -4.70 4.47 15.86
CB MSE A 386 -3.93 7.20 17.32
CG MSE A 386 -4.60 8.54 17.64
SE MSE A 386 -3.27 9.97 17.44
CE MSE A 386 -3.87 10.70 15.74
N LEU A 387 -3.66 3.89 17.75
CA LEU A 387 -3.22 2.59 17.25
C LEU A 387 -4.47 1.72 17.04
N GLY A 388 -5.41 1.81 17.97
CA GLY A 388 -6.69 1.07 17.85
C GLY A 388 -7.52 1.44 16.62
N VAL A 389 -7.48 2.71 16.23
CA VAL A 389 -8.27 3.16 15.06
C VAL A 389 -7.80 2.40 13.82
N VAL A 390 -6.49 2.24 13.72
CA VAL A 390 -5.91 1.61 12.55
C VAL A 390 -5.95 0.10 12.62
N GLU A 391 -5.82 -0.44 13.82
CA GLU A 391 -5.82 -1.89 14.01
C GLU A 391 -7.20 -2.52 14.03
N SER A 392 -8.18 -1.87 14.63
CA SER A 392 -9.48 -2.51 14.67
C SER A 392 -10.64 -1.59 14.40
N GLY A 393 -10.35 -0.35 14.05
CA GLY A 393 -11.40 0.64 13.82
C GLY A 393 -11.54 1.18 12.40
N THR A 394 -11.91 2.43 12.28
CA THR A 394 -12.14 3.04 10.95
C THR A 394 -10.89 3.30 10.09
N GLY A 395 -9.70 3.10 10.66
CA GLY A 395 -8.46 3.33 9.92
C GLY A 395 -7.73 2.08 9.41
N MSE A 396 -8.45 0.96 9.33
CA MSE A 396 -7.87 -0.35 8.88
C MSE A 396 -7.28 -0.28 7.50
O MSE A 396 -6.32 -0.99 7.20
CB MSE A 396 -8.88 -1.50 9.09
CG MSE A 396 -8.90 -1.82 10.60
SE MSE A 396 -10.30 -3.17 10.99
CE MSE A 396 -9.46 -4.70 10.15
N GLY A 397 -7.75 0.65 6.69
CA GLY A 397 -7.21 0.87 5.35
C GLY A 397 -5.78 1.46 5.34
N ALA A 398 -5.38 2.14 6.41
CA ALA A 398 -4.02 2.68 6.51
C ALA A 398 -3.05 1.58 6.87
N ARG A 399 -3.48 0.38 7.29
CA ARG A 399 -2.51 -0.68 7.61
C ARG A 399 -1.65 -1.08 6.37
N VAL A 400 -0.35 -1.27 6.62
CA VAL A 400 0.60 -1.72 5.62
C VAL A 400 1.34 -2.92 6.25
N PRO A 401 1.33 -4.05 5.57
CA PRO A 401 1.99 -5.22 6.21
C PRO A 401 3.47 -4.96 6.50
N GLY A 402 3.91 -5.36 7.68
CA GLY A 402 5.29 -5.15 8.05
C GLY A 402 5.60 -3.84 8.79
N VAL A 403 4.62 -2.96 8.96
CA VAL A 403 4.87 -1.70 9.67
C VAL A 403 3.72 -1.44 10.64
N LYS A 404 3.97 -0.73 11.74
CA LYS A 404 2.90 -0.47 12.70
C LYS A 404 2.59 1.00 12.62
N ILE A 405 1.34 1.26 12.24
CA ILE A 405 0.83 2.62 11.97
C ILE A 405 -0.35 2.94 12.86
N ALA A 406 -0.38 4.18 13.32
CA ALA A 406 -1.49 4.66 14.19
C ALA A 406 -2.01 5.99 13.63
N GLY A 407 -3.30 6.25 13.81
CA GLY A 407 -3.87 7.54 13.36
C GLY A 407 -5.28 7.79 13.74
N LYS A 408 -5.89 8.80 13.11
CA LYS A 408 -7.29 9.05 13.32
C LYS A 408 -7.81 9.50 11.95
N THR A 409 -8.99 9.02 11.61
CA THR A 409 -9.71 9.30 10.40
C THR A 409 -10.79 10.34 10.68
N GLY A 410 -11.35 10.81 9.58
CA GLY A 410 -12.46 11.71 9.58
C GLY A 410 -13.04 11.89 8.19
N THR A 411 -14.35 12.15 8.19
CA THR A 411 -15.08 12.40 6.98
C THR A 411 -16.06 13.59 7.26
N ALA A 412 -16.10 14.56 6.35
CA ALA A 412 -16.93 15.75 6.54
C ALA A 412 -17.69 16.11 5.28
N ASP A 413 -18.99 16.37 5.41
CA ASP A 413 -19.83 16.78 4.26
C ASP A 413 -19.48 18.22 3.87
N VAL A 414 -19.43 18.52 2.58
CA VAL A 414 -19.21 19.92 2.17
C VAL A 414 -20.36 20.29 1.25
N GLU A 415 -20.18 21.36 0.47
CA GLU A 415 -21.21 21.85 -0.41
C GLU A 415 -21.53 20.92 -1.59
N ASN A 416 -22.79 21.01 -2.04
CA ASN A 416 -23.34 20.25 -3.16
C ASN A 416 -23.34 18.75 -2.94
N GLY A 417 -23.51 18.33 -1.68
CA GLY A 417 -23.59 16.90 -1.32
C GLY A 417 -22.33 16.06 -1.37
N ASN A 418 -21.18 16.68 -1.55
CA ASN A 418 -19.93 15.94 -1.63
C ASN A 418 -19.32 15.85 -0.27
N PHE A 419 -18.27 15.06 -0.15
CA PHE A 419 -17.56 15.00 1.12
C PHE A 419 -16.03 14.86 0.98
N ASN A 420 -15.34 15.14 2.08
CA ASN A 420 -13.87 15.10 2.19
C ASN A 420 -13.44 14.05 3.14
N SER A 421 -12.28 13.44 2.86
CA SER A 421 -11.76 12.39 3.68
C SER A 421 -10.42 12.81 4.30
N PHE A 422 -10.33 12.59 5.60
CA PHE A 422 -9.18 12.98 6.39
C PHE A 422 -8.47 11.82 7.06
N PHE A 423 -7.16 11.99 7.26
CA PHE A 423 -6.36 11.09 8.01
C PHE A 423 -5.12 11.80 8.55
N ILE A 424 -4.93 11.63 9.87
CA ILE A 424 -3.66 12.06 10.51
C ILE A 424 -3.07 10.81 11.17
N GLY A 425 -1.74 10.73 11.25
CA GLY A 425 -1.16 9.52 11.84
C GLY A 425 0.33 9.59 11.95
N PHE A 426 0.93 8.50 12.48
CA PHE A 426 2.33 8.48 12.65
C PHE A 426 2.85 7.06 12.55
N ALA A 427 4.17 6.95 12.37
CA ALA A 427 4.85 5.67 12.27
C ALA A 427 6.33 5.81 12.47
N PRO A 428 6.99 4.73 12.97
CA PRO A 428 6.32 3.51 13.44
C PRO A 428 5.66 3.78 14.76
N TYR A 429 4.67 3.00 15.13
CA TYR A 429 4.00 3.22 16.40
C TYR A 429 4.98 3.47 17.57
N ASP A 430 5.94 2.59 17.74
CA ASP A 430 6.96 2.74 18.79
C ASP A 430 8.08 3.64 18.20
N HIS A 431 8.43 4.72 18.87
CA HIS A 431 9.50 5.69 18.42
C HIS A 431 9.19 6.22 17.04
N PRO A 432 8.02 6.83 16.88
CA PRO A 432 7.61 7.41 15.62
C PRO A 432 8.67 8.31 15.04
N THR A 433 8.89 8.26 13.74
CA THR A 433 9.84 9.16 13.14
C THR A 433 9.18 10.00 12.08
N LEU A 434 7.94 9.68 11.70
CA LEU A 434 7.21 10.48 10.77
C LEU A 434 5.70 10.59 11.10
N VAL A 435 5.14 11.71 10.69
CA VAL A 435 3.76 12.01 10.87
C VAL A 435 3.21 12.38 9.52
N VAL A 436 1.96 12.02 9.28
CA VAL A 436 1.23 12.34 8.04
C VAL A 436 -0.14 12.96 8.33
N SER A 437 -0.52 13.87 7.44
CA SER A 437 -1.84 14.56 7.47
C SER A 437 -2.33 14.65 6.04
N VAL A 438 -3.55 14.17 5.81
CA VAL A 438 -4.08 14.15 4.51
C VAL A 438 -5.53 14.60 4.40
N VAL A 439 -5.86 15.30 3.32
CA VAL A 439 -7.27 15.51 3.01
C VAL A 439 -7.44 15.07 1.56
N ILE A 440 -8.45 14.28 1.27
CA ILE A 440 -8.80 13.95 -0.10
C ILE A 440 -10.23 14.51 -0.27
N GLU A 441 -10.35 15.49 -1.16
CA GLU A 441 -11.62 16.12 -1.42
C GLU A 441 -12.36 15.25 -2.38
N GLY A 442 -13.58 14.89 -2.03
CA GLY A 442 -14.38 14.01 -2.88
C GLY A 442 -14.86 14.66 -4.15
N ASN A 443 -15.39 15.87 -4.00
CA ASN A 443 -16.00 16.69 -5.06
C ASN A 443 -16.76 15.86 -6.08
N GLY A 444 -17.76 15.13 -5.54
CA GLY A 444 -18.64 14.27 -6.33
C GLY A 444 -18.30 12.80 -6.10
N GLU A 445 -17.01 12.46 -6.11
CA GLU A 445 -16.59 11.07 -5.96
C GLU A 445 -16.77 10.59 -4.54
N ASN A 446 -17.07 9.30 -4.41
CA ASN A 446 -17.19 8.68 -3.09
C ASN A 446 -15.80 8.33 -2.60
N VAL A 447 -15.24 9.20 -1.76
CA VAL A 447 -13.88 9.02 -1.26
C VAL A 447 -13.84 8.51 0.20
N LEU A 448 -14.87 7.78 0.62
CA LEU A 448 -14.91 7.27 1.98
C LEU A 448 -13.68 6.42 2.23
N GLY A 449 -12.96 6.67 3.28
CA GLY A 449 -11.77 5.85 3.60
C GLY A 449 -10.46 6.16 2.85
N TYR A 450 -10.49 7.08 1.87
CA TYR A 450 -9.31 7.35 1.07
C TYR A 450 -8.18 7.99 1.80
N GLY A 451 -8.51 8.89 2.74
CA GLY A 451 -7.51 9.56 3.46
C GLY A 451 -6.66 8.54 4.16
N ALA A 452 -7.29 7.56 4.81
CA ALA A 452 -6.52 6.55 5.52
C ALA A 452 -5.68 5.63 4.60
N GLN A 453 -6.22 5.29 3.43
CA GLN A 453 -5.46 4.42 2.54
C GLN A 453 -4.19 5.19 2.06
N VAL A 454 -4.42 6.45 1.71
CA VAL A 454 -3.37 7.32 1.24
C VAL A 454 -2.34 7.55 2.34
N GLY A 455 -2.79 7.82 3.56
CA GLY A 455 -1.90 8.09 4.69
C GLY A 455 -0.98 6.91 5.02
N GLY A 456 -1.56 5.74 5.15
CA GLY A 456 -0.73 4.56 5.41
C GLY A 456 0.31 4.31 4.32
N ARG A 457 -0.14 4.34 3.05
CA ARG A 457 0.82 4.13 1.97
C ARG A 457 1.94 5.19 1.96
N VAL A 458 1.61 6.46 2.24
CA VAL A 458 2.66 7.52 2.21
C VAL A 458 3.59 7.24 3.36
N LEU A 459 3.05 7.01 4.56
CA LEU A 459 3.87 6.65 5.68
C LEU A 459 4.85 5.50 5.38
N ALA A 460 4.34 4.35 4.97
CA ALA A 460 5.20 3.22 4.67
C ALA A 460 6.31 3.52 3.65
N GLN A 461 5.95 4.13 2.51
CA GLN A 461 6.96 4.50 1.46
C GLN A 461 8.01 5.47 1.99
N CYS A 462 7.55 6.51 2.72
CA CYS A 462 8.47 7.43 3.31
C CYS A 462 9.37 6.75 4.31
N LEU A 463 8.86 5.80 5.09
CA LEU A 463 9.74 5.08 6.04
C LEU A 463 10.82 4.26 5.33
N ASN A 464 10.48 3.71 4.18
CA ASN A 464 11.45 2.95 3.42
C ASN A 464 12.52 3.94 2.94
N ILE A 465 12.09 5.12 2.46
CA ILE A 465 13.06 6.14 2.03
C ILE A 465 14.03 6.41 3.18
N GLN A 466 13.49 6.68 4.40
CA GLN A 466 14.34 6.88 5.61
C GLN A 466 15.29 5.73 5.90
N ALA A 467 14.83 4.47 5.78
CA ALA A 467 15.70 3.31 6.01
C ALA A 467 16.89 3.35 5.05
N SER B 41 25.81 -47.08 -1.34
CA SER B 41 26.59 -46.71 -0.14
C SER B 41 26.45 -45.20 0.09
N ALA B 42 26.96 -44.71 1.22
CA ALA B 42 26.89 -43.28 1.52
C ALA B 42 28.30 -42.65 1.47
N TYR B 43 29.18 -43.30 0.70
CA TYR B 43 30.54 -42.83 0.48
C TYR B 43 30.63 -42.12 -0.87
N GLN B 45 29.10 -39.03 -2.70
CA GLN B 45 28.91 -37.59 -2.65
C GLN B 45 27.71 -37.16 -3.51
N ARG B 46 26.76 -36.48 -2.89
CA ARG B 46 25.49 -36.09 -3.51
C ARG B 46 25.89 -34.80 -4.15
N GLY B 47 25.30 -34.44 -5.30
CA GLY B 47 25.63 -33.19 -5.96
C GLY B 47 25.10 -31.96 -5.24
N ALA B 48 25.52 -30.77 -5.61
CA ALA B 48 25.03 -29.55 -4.95
C ALA B 48 23.73 -29.03 -5.56
N ILE B 49 22.99 -28.21 -4.81
CA ILE B 49 21.83 -27.48 -5.33
C ILE B 49 22.27 -26.00 -5.28
N ILE B 50 22.18 -25.30 -6.42
CA ILE B 50 22.61 -23.91 -6.56
C ILE B 50 21.54 -23.02 -7.23
N THR B 51 21.50 -21.74 -6.86
CA THR B 51 20.48 -20.84 -7.46
C THR B 51 21.03 -20.30 -8.78
N SER B 52 20.15 -19.75 -9.61
CA SER B 52 20.57 -19.21 -10.92
C SER B 52 21.69 -18.20 -10.77
N ASP B 53 21.66 -17.38 -9.73
CA ASP B 53 22.71 -16.37 -9.56
C ASP B 53 23.90 -16.84 -8.73
N GLY B 54 24.16 -18.15 -8.71
CA GLY B 54 25.30 -18.71 -8.01
C GLY B 54 25.37 -18.91 -6.51
N VAL B 55 24.23 -18.91 -5.83
CA VAL B 55 24.22 -19.13 -4.39
C VAL B 55 24.05 -20.61 -4.07
N THR B 56 25.05 -21.24 -3.45
CA THR B 56 24.89 -22.63 -3.11
C THR B 56 24.02 -22.79 -1.87
N LEU B 57 22.95 -23.58 -2.02
CA LEU B 57 22.00 -23.88 -0.97
C LEU B 57 22.16 -25.27 -0.36
N ALA B 58 22.65 -26.25 -1.12
CA ALA B 58 22.83 -27.62 -0.59
C ALA B 58 24.17 -28.15 -1.09
N GLU B 59 24.68 -29.17 -0.40
CA GLU B 59 26.03 -29.63 -0.71
C GLU B 59 26.36 -30.83 0.18
N SER B 60 27.30 -31.66 -0.25
CA SER B 60 27.83 -32.73 0.59
C SER B 60 29.31 -32.48 0.92
N VAL B 61 29.67 -32.75 2.18
CA VAL B 61 31.03 -32.54 2.67
C VAL B 61 31.63 -33.83 3.23
N LYS B 62 32.84 -34.13 2.74
CA LYS B 62 33.62 -35.29 3.12
C LYS B 62 33.88 -35.34 4.62
N GLN B 63 33.56 -36.47 5.25
CA GLN B 63 33.82 -36.69 6.69
C GLN B 63 35.08 -37.56 6.86
N ASP B 64 35.61 -37.65 8.06
CA ASP B 64 36.83 -38.46 8.30
C ASP B 64 36.57 -39.97 8.22
N ASP B 65 35.40 -40.39 8.70
CA ASP B 65 34.94 -41.77 8.67
C ASP B 65 34.83 -42.23 7.19
N GLY B 66 34.81 -41.28 6.26
CA GLY B 66 34.71 -41.57 4.83
C GLY B 66 33.36 -41.21 4.22
N THR B 67 32.34 -41.02 5.06
CA THR B 67 31.03 -40.67 4.54
C THR B 67 30.97 -39.16 4.32
N TYR B 68 29.89 -38.73 3.69
CA TYR B 68 29.68 -37.32 3.44
C TYR B 68 28.50 -36.85 4.27
N VAL B 69 28.54 -35.62 4.75
CA VAL B 69 27.39 -35.09 5.47
C VAL B 69 26.77 -33.99 4.61
N ARG B 70 25.44 -34.01 4.48
CA ARG B 70 24.68 -33.05 3.69
C ARG B 70 24.68 -31.73 4.44
N ASN B 71 25.15 -30.67 3.79
CA ASN B 71 25.17 -29.33 4.40
C ASN B 71 24.26 -28.37 3.61
N TYR B 72 23.69 -27.38 4.32
CA TYR B 72 22.79 -26.42 3.71
C TYR B 72 23.19 -24.97 4.04
N PRO B 73 24.00 -24.32 3.18
CA PRO B 73 24.33 -22.93 3.47
C PRO B 73 23.07 -22.09 3.31
N HIS B 74 23.04 -20.93 3.96
CA HIS B 74 21.89 -20.04 3.90
C HIS B 74 20.68 -20.85 4.32
N ASP B 75 20.88 -21.68 5.35
CA ASP B 75 19.83 -22.56 5.85
C ASP B 75 18.59 -21.72 6.13
N GLY B 76 17.44 -22.15 5.62
CA GLY B 76 16.24 -21.38 5.83
C GLY B 76 15.79 -20.66 4.57
N MSE B 77 16.68 -20.48 3.59
CA MSE B 77 16.30 -19.86 2.32
C MSE B 77 15.74 -20.93 1.40
O MSE B 77 16.40 -21.95 1.15
CB MSE B 77 17.45 -19.19 1.57
CG MSE B 77 17.09 -19.01 0.10
SE MSE B 77 18.29 -17.74 -0.75
CE MSE B 77 17.40 -16.13 -0.03
N ALA B 78 14.52 -20.71 0.91
CA ALA B 78 13.87 -21.63 -0.05
C ALA B 78 13.82 -23.08 0.43
N SER B 79 13.55 -23.26 1.72
CA SER B 79 13.55 -24.58 2.34
C SER B 79 12.67 -25.60 1.61
N HIS B 80 11.42 -25.23 1.35
CA HIS B 80 10.48 -26.18 0.72
C HIS B 80 10.88 -26.57 -0.70
N THR B 81 11.58 -25.67 -1.39
CA THR B 81 12.05 -25.91 -2.74
C THR B 81 13.35 -26.78 -2.76
N VAL B 82 14.28 -26.46 -1.89
CA VAL B 82 15.51 -27.23 -1.77
C VAL B 82 15.13 -28.64 -1.30
N GLY B 83 14.38 -28.70 -0.22
CA GLY B 83 13.86 -29.94 0.25
C GLY B 83 14.71 -30.74 1.14
N TYR B 84 14.33 -32.01 1.27
CA TYR B 84 15.04 -32.92 2.15
C TYR B 84 14.66 -34.36 1.91
N ILE B 85 15.48 -35.24 2.52
CA ILE B 85 15.31 -36.69 2.56
C ILE B 85 15.42 -37.00 4.05
N SER B 86 14.27 -37.34 4.65
CA SER B 86 14.17 -37.57 6.07
C SER B 86 13.26 -38.76 6.43
N THR B 87 13.78 -39.66 7.27
CA THR B 87 13.01 -40.81 7.64
C THR B 87 11.72 -40.37 8.31
N GLN B 88 11.88 -39.45 9.24
CA GLN B 88 10.78 -38.92 10.02
C GLN B 88 9.79 -38.04 9.25
N TYR B 89 10.32 -37.10 8.47
CA TYR B 89 9.50 -36.08 7.81
C TYR B 89 9.10 -36.32 6.35
N GLY B 90 9.71 -37.33 5.72
CA GLY B 90 9.38 -37.69 4.34
C GLY B 90 10.38 -37.05 3.40
N THR B 91 9.99 -36.89 2.13
CA THR B 91 10.90 -36.25 1.19
C THR B 91 10.17 -35.10 0.56
N ALA B 92 10.93 -34.16 0.00
CA ALA B 92 10.33 -33.01 -0.62
C ALA B 92 11.35 -32.24 -1.41
N GLY B 93 10.82 -31.41 -2.28
CA GLY B 93 11.59 -30.52 -3.10
C GLY B 93 12.59 -31.17 -4.02
N ILE B 94 13.64 -30.41 -4.31
CA ILE B 94 14.70 -30.86 -5.24
C ILE B 94 15.44 -32.09 -4.76
N GLU B 95 15.79 -32.09 -3.48
CA GLU B 95 16.44 -33.26 -2.88
C GLU B 95 15.70 -34.53 -3.24
N SER B 96 14.39 -34.46 -3.46
CA SER B 96 13.66 -35.67 -3.83
C SER B 96 13.38 -35.81 -5.35
N SER B 97 12.85 -34.76 -5.99
CA SER B 97 12.53 -34.84 -7.43
C SER B 97 13.74 -35.01 -8.32
N MSE B 98 14.93 -34.61 -7.83
CA MSE B 98 16.17 -34.71 -8.61
C MSE B 98 17.12 -35.67 -7.92
O MSE B 98 18.32 -35.69 -8.21
CB MSE B 98 16.82 -33.34 -8.81
CG MSE B 98 15.91 -32.36 -9.55
SE MSE B 98 15.88 -32.80 -11.49
CE MSE B 98 13.93 -33.07 -11.72
N ASN B 99 16.54 -36.51 -7.06
CA ASN B 99 17.26 -37.51 -6.29
C ASN B 99 18.25 -38.34 -7.12
N GLU B 100 17.73 -39.04 -8.12
CA GLU B 100 18.56 -39.90 -8.98
C GLU B 100 19.73 -39.12 -9.58
N THR B 101 19.48 -37.85 -9.92
CA THR B 101 20.50 -36.96 -10.51
C THR B 101 21.60 -36.53 -9.54
N LEU B 102 21.23 -36.12 -8.33
CA LEU B 102 22.23 -35.74 -7.32
C LEU B 102 22.87 -37.04 -6.81
N THR B 103 22.05 -38.10 -6.71
CA THR B 103 22.51 -39.44 -6.28
C THR B 103 23.51 -40.01 -7.26
N TRP B 111 34.39 -55.49 -11.58
CA TRP B 111 33.60 -55.37 -10.37
C TRP B 111 34.41 -54.64 -9.30
N ARG B 112 34.42 -53.33 -9.45
CA ARG B 112 35.07 -52.36 -8.55
C ARG B 112 33.93 -51.74 -7.71
N SER B 113 32.73 -52.24 -8.02
CA SER B 113 31.46 -51.85 -7.43
C SER B 113 31.28 -52.42 -6.03
N ALA B 114 32.11 -53.39 -5.68
CA ALA B 114 32.06 -54.07 -4.40
C ALA B 114 33.08 -53.50 -3.40
N LEU B 115 33.86 -52.54 -3.85
CA LEU B 115 34.84 -51.93 -2.98
C LEU B 115 34.38 -50.56 -2.46
N TYR B 116 33.91 -50.56 -1.23
CA TYR B 116 33.47 -49.34 -0.57
C TYR B 116 34.67 -48.39 -0.50
N SER B 117 35.87 -48.97 -0.37
CA SER B 117 37.12 -48.23 -0.33
C SER B 117 37.37 -47.42 -1.62
N MSE B 118 36.66 -47.78 -2.70
CA MSE B 118 36.78 -47.08 -3.98
C MSE B 118 35.52 -46.30 -4.32
O MSE B 118 35.53 -45.51 -5.25
CB MSE B 118 37.04 -48.07 -5.10
CG MSE B 118 38.36 -48.77 -4.83
SE MSE B 118 39.06 -49.65 -6.46
CE MSE B 118 37.52 -50.86 -6.66
N ALA B 119 34.45 -46.50 -3.56
CA ALA B 119 33.16 -45.82 -3.82
C ALA B 119 33.27 -44.31 -4.09
N GLY B 120 34.19 -43.61 -3.45
CA GLY B 120 34.34 -42.18 -3.69
C GLY B 120 34.98 -41.88 -5.04
N ILE B 121 36.10 -42.54 -5.31
CA ILE B 121 36.82 -42.35 -6.55
C ILE B 121 36.12 -43.06 -7.70
N THR B 124 31.17 -38.79 -8.30
CA THR B 124 30.59 -37.56 -7.77
C THR B 124 29.26 -37.29 -8.42
N GLY B 125 28.29 -36.91 -7.59
CA GLY B 125 26.96 -36.62 -8.06
C GLY B 125 27.01 -35.37 -8.89
N SER B 126 26.01 -35.19 -9.73
CA SER B 126 25.93 -34.00 -10.57
C SER B 126 25.00 -32.98 -9.88
N SER B 127 25.36 -31.70 -10.01
CA SER B 127 24.61 -30.61 -9.38
C SER B 127 23.42 -30.11 -10.18
N VAL B 128 22.57 -29.37 -9.49
CA VAL B 128 21.38 -28.78 -10.05
C VAL B 128 21.41 -27.26 -9.79
N VAL B 129 21.30 -26.49 -10.89
CA VAL B 129 21.22 -25.03 -10.86
C VAL B 129 19.74 -24.69 -11.06
N LEU B 130 19.14 -24.02 -10.09
CA LEU B 130 17.69 -23.70 -10.19
C LEU B 130 17.55 -22.40 -10.95
N THR B 131 16.30 -22.09 -11.26
CA THR B 131 15.95 -20.84 -11.94
C THR B 131 15.76 -19.81 -10.86
N ILE B 132 15.46 -20.25 -9.65
CA ILE B 132 15.30 -19.34 -8.54
C ILE B 132 16.45 -18.29 -8.45
N ASN B 133 16.08 -17.02 -8.31
CA ASN B 133 17.04 -15.92 -8.13
C ASN B 133 17.08 -15.69 -6.64
N SER B 134 18.29 -15.63 -6.06
CA SER B 134 18.39 -15.52 -4.61
C SER B 134 17.99 -14.14 -4.11
N GLN B 135 18.32 -13.08 -4.85
CA GLN B 135 17.86 -11.76 -4.40
C GLN B 135 16.32 -11.68 -4.51
N MSE B 136 15.68 -12.37 -5.47
CA MSE B 136 14.21 -12.32 -5.61
C MSE B 136 13.57 -13.21 -4.56
O MSE B 136 12.53 -12.86 -4.03
CB MSE B 136 13.78 -12.74 -6.99
CG MSE B 136 14.31 -11.84 -8.08
SE MSE B 136 13.35 -12.13 -9.80
CE MSE B 136 14.30 -10.68 -10.74
N GLN B 137 14.22 -14.34 -4.22
CA GLN B 137 13.74 -15.25 -3.16
C GLN B 137 13.74 -14.49 -1.81
N ALA B 138 14.76 -13.69 -1.56
CA ALA B 138 14.88 -12.90 -0.31
C ALA B 138 13.76 -11.87 -0.19
N VAL B 139 13.41 -11.30 -1.32
CA VAL B 139 12.31 -10.33 -1.37
C VAL B 139 10.99 -10.99 -0.96
N ALA B 140 10.69 -12.16 -1.52
CA ALA B 140 9.47 -12.88 -1.18
C ALA B 140 9.43 -13.29 0.26
N GLU B 141 10.51 -13.88 0.75
CA GLU B 141 10.63 -14.28 2.15
C GLU B 141 10.51 -13.09 3.09
N ALA B 142 11.16 -11.97 2.77
CA ALA B 142 11.09 -10.77 3.61
C ALA B 142 9.65 -10.24 3.67
N ALA B 143 8.91 -10.37 2.56
CA ALA B 143 7.51 -9.93 2.51
C ALA B 143 6.56 -10.83 3.31
N LEU B 144 6.90 -12.10 3.50
CA LEU B 144 6.04 -13.02 4.30
C LEU B 144 6.33 -13.05 5.81
N GLN B 145 7.36 -12.34 6.24
CA GLN B 145 7.70 -12.28 7.64
C GLN B 145 6.56 -11.80 8.49
N GLY B 146 6.14 -12.65 9.43
CA GLY B 146 5.07 -12.38 10.33
C GLY B 146 3.73 -12.78 9.79
N TYR B 147 3.71 -13.50 8.67
CA TYR B 147 2.46 -13.90 8.05
C TYR B 147 2.57 -15.31 7.56
N SER B 148 1.41 -15.97 7.46
CA SER B 148 1.26 -17.30 6.89
C SER B 148 0.73 -17.11 5.47
N GLY B 149 1.28 -17.91 4.56
CA GLY B 149 0.86 -17.85 3.17
C GLY B 149 1.97 -18.13 2.20
N SER B 150 1.85 -17.58 0.98
CA SER B 150 2.90 -17.85 0.03
C SER B 150 2.93 -16.90 -1.12
N ILE B 151 4.09 -16.88 -1.76
CA ILE B 151 4.36 -16.05 -2.90
C ILE B 151 5.12 -16.78 -3.99
N VAL B 152 4.68 -16.66 -5.23
CA VAL B 152 5.44 -17.20 -6.31
C VAL B 152 5.78 -16.04 -7.28
N VAL B 153 6.95 -16.07 -7.86
CA VAL B 153 7.30 -15.08 -8.88
C VAL B 153 7.78 -15.88 -10.10
N MSE B 154 7.34 -15.54 -11.30
CA MSE B 154 7.68 -16.28 -12.50
C MSE B 154 7.84 -15.46 -13.75
O MSE B 154 7.29 -14.37 -13.88
CB MSE B 154 6.44 -17.21 -12.59
CG MSE B 154 6.24 -18.01 -13.86
SE MSE B 154 4.51 -19.00 -13.89
CE MSE B 154 4.91 -20.19 -12.43
N ASP B 155 8.69 -15.93 -14.66
CA ASP B 155 8.84 -15.28 -15.94
C ASP B 155 7.59 -15.74 -16.76
N PRO B 156 6.76 -14.82 -17.30
CA PRO B 156 5.56 -15.21 -18.09
C PRO B 156 5.81 -15.89 -19.48
N SER B 157 6.96 -15.60 -20.08
CA SER B 157 7.29 -16.14 -21.42
C SER B 157 7.75 -17.60 -21.35
N THR B 158 8.30 -18.03 -20.22
CA THR B 158 8.84 -19.39 -20.10
C THR B 158 8.27 -20.27 -19.02
N GLY B 159 7.67 -19.66 -17.99
CA GLY B 159 7.20 -20.39 -16.86
C GLY B 159 8.31 -20.62 -15.87
N ALA B 160 9.48 -20.00 -16.03
CA ALA B 160 10.51 -20.24 -15.07
C ALA B 160 10.11 -19.60 -13.73
N VAL B 161 10.27 -20.35 -12.65
CA VAL B 161 9.93 -19.86 -11.32
C VAL B 161 11.15 -19.16 -10.76
N LEU B 162 11.07 -17.85 -10.49
CA LEU B 162 12.24 -17.07 -10.02
C LEU B 162 12.28 -16.91 -8.48
N ALA B 163 11.12 -17.06 -7.86
CA ALA B 163 10.94 -16.97 -6.41
C ALA B 163 9.76 -17.84 -6.04
N LYS B 164 9.92 -18.55 -4.92
CA LYS B 164 8.91 -19.50 -4.46
C LYS B 164 9.10 -19.59 -2.94
N ALA B 165 8.13 -19.06 -2.20
CA ALA B 165 8.22 -18.95 -0.73
C ALA B 165 6.89 -19.29 -0.05
N SER B 166 7.00 -20.11 1.00
CA SER B 166 5.89 -20.55 1.83
C SER B 166 6.27 -20.13 3.27
N SER B 167 5.26 -19.70 4.03
CA SER B 167 5.42 -19.25 5.41
C SER B 167 4.21 -19.76 6.22
N PRO B 168 4.47 -20.26 7.45
CA PRO B 168 5.81 -20.32 8.06
C PRO B 168 6.67 -21.37 7.44
N SER B 169 7.96 -21.17 7.59
CA SER B 169 8.95 -22.05 7.04
C SER B 169 9.71 -22.68 8.17
N TYR B 170 10.89 -23.19 7.85
CA TYR B 170 11.70 -23.91 8.79
C TYR B 170 13.12 -23.98 8.28
N THR B 171 14.04 -24.42 9.13
CA THR B 171 15.40 -24.62 8.70
C THR B 171 15.66 -26.11 8.65
N HIS B 172 16.64 -26.52 7.86
CA HIS B 172 17.02 -27.92 7.80
C HIS B 172 17.57 -28.32 9.15
N ALA B 173 18.17 -27.37 9.84
CA ALA B 173 18.68 -27.70 11.14
C ALA B 173 17.50 -28.20 12.01
N GLU B 174 16.33 -27.54 11.92
CA GLU B 174 15.15 -27.91 12.72
C GLU B 174 14.54 -29.28 12.42
N LEU B 175 14.85 -29.83 11.26
CA LEU B 175 14.36 -31.16 10.91
C LEU B 175 15.09 -32.18 11.79
N GLY B 176 16.18 -31.77 12.43
CA GLY B 176 16.91 -32.67 13.31
C GLY B 176 16.21 -32.77 14.66
N THR B 177 15.11 -32.05 14.83
CA THR B 177 14.33 -32.05 16.06
C THR B 177 12.85 -32.12 15.70
N ILE B 178 11.98 -31.72 16.63
CA ILE B 178 10.54 -31.82 16.40
C ILE B 178 9.87 -30.50 16.02
N SER B 185 1.63 -27.53 9.83
CA SER B 185 1.75 -26.24 9.19
C SER B 185 3.12 -25.98 8.53
N GLN B 186 4.20 -25.70 9.27
CA GLN B 186 5.54 -25.34 8.67
C GLN B 186 6.03 -26.09 7.44
N LEU B 187 5.93 -27.40 7.49
CA LEU B 187 6.41 -28.27 6.41
C LEU B 187 5.52 -28.21 5.17
N VAL B 188 4.27 -27.76 5.28
CA VAL B 188 3.43 -27.70 4.09
C VAL B 188 3.91 -26.63 3.11
N ASP B 189 4.09 -27.03 1.87
CA ASP B 189 4.41 -26.12 0.80
C ASP B 189 3.16 -25.42 0.30
N ARG B 190 2.91 -24.24 0.80
CA ARG B 190 1.74 -23.45 0.47
C ARG B 190 1.74 -22.78 -0.94
N THR B 191 2.83 -22.96 -1.68
CA THR B 191 2.92 -22.59 -3.07
C THR B 191 2.23 -23.63 -3.96
N THR B 192 2.50 -24.88 -3.65
CA THR B 192 2.16 -25.98 -4.54
C THR B 192 1.37 -27.18 -3.98
N GLN B 193 1.21 -27.28 -2.68
CA GLN B 193 0.62 -28.47 -2.10
C GLN B 193 -0.46 -28.20 -1.07
N ALA B 194 -1.01 -26.99 -1.14
CA ALA B 194 -2.12 -26.56 -0.33
C ALA B 194 -3.16 -26.03 -1.32
N LEU B 195 -4.39 -26.45 -1.14
CA LEU B 195 -5.55 -26.02 -1.95
C LEU B 195 -6.36 -24.94 -1.24
N TYR B 196 -6.73 -23.88 -1.99
CA TYR B 196 -7.43 -22.71 -1.47
C TYR B 196 -8.54 -22.30 -2.36
N SER B 197 -9.64 -21.83 -1.79
CA SER B 197 -10.70 -21.23 -2.61
C SER B 197 -9.98 -19.95 -3.12
N PRO B 198 -9.86 -19.75 -4.43
CA PRO B 198 -9.19 -18.56 -4.96
C PRO B 198 -9.98 -17.27 -4.81
N GLY B 199 -11.29 -17.39 -4.56
CA GLY B 199 -12.15 -16.19 -4.44
C GLY B 199 -12.14 -15.40 -5.74
N SER B 200 -12.17 -14.08 -5.62
CA SER B 200 -12.31 -13.24 -6.79
C SER B 200 -11.15 -13.27 -7.76
N SER B 201 -10.02 -13.83 -7.35
CA SER B 201 -8.87 -13.89 -8.24
C SER B 201 -9.22 -14.79 -9.45
N PHE B 202 -10.10 -15.77 -9.23
CA PHE B 202 -10.56 -16.69 -10.30
C PHE B 202 -11.43 -15.96 -11.40
N LYS B 203 -11.96 -14.79 -11.09
CA LYS B 203 -12.79 -14.06 -12.09
C LYS B 203 -11.97 -13.74 -13.32
N THR B 204 -10.64 -13.76 -13.21
CA THR B 204 -9.74 -13.62 -14.35
C THR B 204 -10.05 -14.70 -15.41
N VAL B 205 -10.37 -15.91 -14.94
CA VAL B 205 -10.73 -17.02 -15.83
C VAL B 205 -12.12 -16.81 -16.41
N THR B 206 -13.07 -16.40 -15.55
CA THR B 206 -14.43 -16.14 -16.01
C THR B 206 -14.45 -15.12 -17.13
N LEU B 207 -13.79 -13.99 -16.88
CA LEU B 207 -13.65 -12.89 -17.82
C LEU B 207 -12.96 -13.35 -19.15
N ALA B 208 -11.82 -14.02 -19.05
CA ALA B 208 -11.13 -14.48 -20.26
C ALA B 208 -12.05 -15.37 -21.10
N ALA B 209 -12.75 -16.30 -20.43
CA ALA B 209 -13.64 -17.20 -21.08
C ALA B 209 -14.80 -16.45 -21.77
N GLY B 210 -15.34 -15.46 -21.07
CA GLY B 210 -16.43 -14.66 -21.56
C GLY B 210 -16.05 -13.92 -22.83
N ILE B 211 -14.89 -13.36 -22.79
CA ILE B 211 -14.34 -12.62 -23.92
C ILE B 211 -13.96 -13.53 -25.12
N ASP B 212 -13.28 -14.63 -24.82
CA ASP B 212 -12.80 -15.55 -25.82
C ASP B 212 -13.93 -16.29 -26.53
N THR B 213 -15.04 -16.53 -25.85
CA THR B 213 -16.20 -17.15 -26.51
C THR B 213 -17.09 -16.13 -27.21
N HIS B 214 -16.70 -14.86 -27.18
CA HIS B 214 -17.52 -13.82 -27.88
C HIS B 214 -18.95 -13.66 -27.38
N LYS B 215 -19.12 -13.85 -26.07
CA LYS B 215 -20.40 -13.68 -25.38
C LYS B 215 -20.45 -12.33 -24.65
N THR B 216 -19.34 -11.60 -24.57
CA THR B 216 -19.38 -10.32 -23.87
C THR B 216 -18.16 -9.53 -24.19
N THR B 217 -18.16 -8.25 -23.81
CA THR B 217 -17.01 -7.37 -24.01
C THR B 217 -16.79 -6.54 -22.74
N LEU B 218 -15.67 -5.86 -22.67
CA LEU B 218 -15.34 -5.03 -21.50
C LEU B 218 -16.25 -3.81 -21.34
N ASP B 219 -16.78 -3.34 -22.46
CA ASP B 219 -17.74 -2.22 -22.49
C ASP B 219 -19.23 -2.64 -22.40
N THR B 220 -19.48 -3.94 -22.36
CA THR B 220 -20.84 -4.46 -22.16
C THR B 220 -21.33 -4.19 -20.73
N THR B 221 -22.57 -3.68 -20.58
CA THR B 221 -23.07 -3.35 -19.23
C THR B 221 -23.80 -4.46 -18.54
N TYR B 222 -23.65 -4.48 -17.23
CA TYR B 222 -24.27 -5.43 -16.41
C TYR B 222 -24.82 -4.70 -15.21
N SER B 223 -25.91 -5.26 -14.71
CA SER B 223 -26.53 -4.86 -13.49
C SER B 223 -25.65 -5.50 -12.43
N ALA B 224 -25.34 -4.75 -11.38
CA ALA B 224 -24.50 -5.26 -10.33
C ALA B 224 -25.11 -4.86 -9.00
N PRO B 225 -26.33 -5.36 -8.73
CA PRO B 225 -27.04 -5.04 -7.50
C PRO B 225 -26.39 -5.73 -6.29
N GLY B 226 -26.58 -5.16 -5.10
CA GLY B 226 -25.98 -5.68 -3.87
C GLY B 226 -26.34 -7.13 -3.62
N THR B 227 -27.56 -7.53 -3.96
CA THR B 227 -27.98 -8.91 -3.76
C THR B 227 -28.78 -9.28 -5.04
N MSE B 228 -28.67 -10.52 -5.53
CA MSE B 228 -29.41 -11.02 -6.73
C MSE B 228 -29.74 -12.50 -6.60
O MSE B 228 -28.91 -13.29 -6.14
CB MSE B 228 -28.56 -10.88 -7.99
CG MSE B 228 -29.33 -10.50 -9.23
SE MSE B 228 -28.09 -10.84 -10.71
CE MSE B 228 -29.39 -11.26 -12.09
N GLU B 229 -30.94 -12.88 -7.02
N GLU B 229 -30.96 -12.88 -6.94
CA GLU B 229 -31.39 -14.26 -7.00
CA GLU B 229 -31.34 -14.30 -6.89
C GLU B 229 -30.90 -15.05 -8.20
C GLU B 229 -30.90 -15.04 -8.15
N ILE B 230 -30.09 -16.07 -7.97
CA ILE B 230 -29.57 -16.87 -9.08
C ILE B 230 -29.70 -18.38 -8.84
N GLY B 231 -30.26 -19.10 -9.80
CA GLY B 231 -30.41 -20.53 -9.66
C GLY B 231 -31.06 -20.90 -8.35
N GLY B 232 -32.11 -20.15 -7.98
CA GLY B 232 -32.86 -20.40 -6.75
C GLY B 232 -32.10 -20.05 -5.50
N GLY B 233 -30.98 -19.35 -5.64
CA GLY B 233 -30.20 -18.98 -4.46
C GLY B 233 -29.76 -17.54 -4.55
N THR B 234 -29.15 -17.04 -3.48
CA THR B 234 -28.71 -15.67 -3.43
C THR B 234 -27.22 -15.48 -3.69
N ILE B 235 -26.93 -14.40 -4.41
CA ILE B 235 -25.60 -13.99 -4.75
C ILE B 235 -25.47 -12.53 -4.25
N HIS B 236 -24.39 -12.18 -3.59
CA HIS B 236 -24.31 -10.84 -3.10
C HIS B 236 -22.96 -10.22 -3.36
N ASN B 237 -22.95 -8.92 -3.60
CA ASN B 237 -21.67 -8.19 -3.71
C ASN B 237 -21.15 -8.01 -2.32
N TYR B 238 -19.88 -7.73 -2.19
CA TYR B 238 -19.32 -7.46 -0.89
C TYR B 238 -20.08 -6.29 -0.25
N ALA B 239 -20.45 -6.45 1.02
CA ALA B 239 -21.16 -5.42 1.77
C ALA B 239 -22.52 -5.08 1.18
N ASN B 240 -23.12 -6.04 0.45
CA ASN B 240 -24.37 -5.83 -0.30
C ASN B 240 -24.34 -4.51 -1.06
N GLU B 241 -23.18 -4.15 -1.61
CA GLU B 241 -23.05 -2.91 -2.32
C GLU B 241 -23.78 -2.93 -3.66
N ASP B 242 -24.73 -2.02 -3.83
CA ASP B 242 -25.49 -1.91 -5.06
C ASP B 242 -24.73 -0.93 -5.95
N MSE B 243 -24.18 -1.41 -7.06
CA MSE B 243 -23.38 -0.60 -7.95
C MSE B 243 -24.15 -0.09 -9.18
O MSE B 243 -23.59 0.61 -10.01
CB MSE B 243 -22.22 -1.45 -8.42
CG MSE B 243 -21.32 -1.90 -7.29
SE MSE B 243 -19.78 -2.88 -8.02
CE MSE B 243 -19.04 -3.62 -6.37
N GLY B 244 -25.42 -0.42 -9.30
CA GLY B 244 -26.16 -0.01 -10.49
C GLY B 244 -25.71 -0.80 -11.69
N THR B 245 -25.94 -0.22 -12.86
CA THR B 245 -25.56 -0.82 -14.14
C THR B 245 -24.22 -0.24 -14.50
N ILE B 246 -23.21 -1.10 -14.64
CA ILE B 246 -21.86 -0.68 -14.94
C ILE B 246 -21.21 -1.59 -16.02
N PRO B 247 -20.21 -1.07 -16.71
CA PRO B 247 -19.59 -1.90 -17.73
C PRO B 247 -18.81 -3.01 -17.07
N LEU B 248 -18.57 -4.06 -17.81
CA LEU B 248 -17.87 -5.18 -17.30
C LEU B 248 -16.44 -4.79 -16.87
N ARG B 249 -15.76 -3.88 -17.56
CA ARG B 249 -14.43 -3.55 -17.05
C ARG B 249 -14.50 -2.98 -15.62
N GLU B 250 -15.57 -2.25 -15.35
CA GLU B 250 -15.76 -1.66 -14.01
C GLU B 250 -16.19 -2.71 -12.98
N ALA B 251 -17.08 -3.63 -13.37
CA ALA B 251 -17.54 -4.73 -12.52
C ALA B 251 -16.37 -5.59 -12.12
N PHE B 252 -15.41 -5.72 -13.02
CA PHE B 252 -14.17 -6.51 -12.78
C PHE B 252 -13.22 -5.76 -11.80
N ALA B 253 -12.99 -4.47 -12.07
CA ALA B 253 -12.11 -3.64 -11.27
C ALA B 253 -12.56 -3.54 -9.84
N ARG B 254 -13.87 -3.47 -9.64
CA ARG B 254 -14.48 -3.35 -8.30
C ARG B 254 -14.86 -4.71 -7.72
N SER B 255 -14.73 -5.75 -8.54
CA SER B 255 -14.98 -7.12 -8.18
C SER B 255 -16.41 -7.37 -7.71
N SER B 256 -17.38 -7.09 -8.57
CA SER B 256 -18.73 -7.34 -8.22
C SER B 256 -19.04 -8.85 -8.37
N ASN B 257 -19.42 -9.53 -7.30
CA ASN B 257 -19.84 -10.91 -7.47
C ASN B 257 -21.10 -11.03 -8.30
N THR B 258 -22.04 -10.11 -8.14
CA THR B 258 -23.31 -10.29 -8.87
C THR B 258 -23.18 -10.08 -10.41
N ALA B 259 -22.21 -9.27 -10.83
CA ALA B 259 -21.98 -9.04 -12.23
C ALA B 259 -21.26 -10.26 -12.81
N LEU B 260 -20.16 -10.67 -12.15
CA LEU B 260 -19.37 -11.82 -12.64
C LEU B 260 -20.11 -13.12 -12.59
N ALA B 261 -20.98 -13.28 -11.60
CA ALA B 261 -21.85 -14.44 -11.50
C ALA B 261 -22.69 -14.58 -12.77
N GLN B 262 -23.22 -13.45 -13.26
CA GLN B 262 -24.03 -13.46 -14.44
C GLN B 262 -23.29 -13.93 -15.68
N LEU B 263 -22.03 -13.54 -15.80
CA LEU B 263 -21.23 -13.95 -16.92
C LEU B 263 -20.98 -15.46 -16.80
N GLY B 264 -20.80 -15.96 -15.57
CA GLY B 264 -20.54 -17.39 -15.33
C GLY B 264 -21.74 -18.18 -15.79
N VAL B 265 -22.94 -17.71 -15.44
CA VAL B 265 -24.19 -18.37 -15.87
C VAL B 265 -24.34 -18.30 -17.41
N ALA B 266 -24.04 -17.16 -18.01
CA ALA B 266 -24.09 -17.03 -19.48
C ALA B 266 -23.12 -18.03 -20.13
N LEU B 267 -21.91 -18.17 -19.57
CA LEU B 267 -20.96 -19.13 -20.10
C LEU B 267 -21.43 -20.61 -20.00
N GLY B 268 -22.02 -20.98 -18.87
CA GLY B 268 -22.42 -22.36 -18.68
C GLY B 268 -21.27 -23.13 -18.10
N ALA B 269 -21.59 -24.27 -17.51
CA ALA B 269 -20.58 -25.06 -16.83
C ALA B 269 -19.51 -25.68 -17.69
N ASP B 270 -19.91 -26.19 -18.84
CA ASP B 270 -18.95 -26.84 -19.75
C ASP B 270 -17.86 -25.87 -20.15
N ASN B 271 -18.26 -24.65 -20.48
CA ASN B 271 -17.28 -23.59 -20.83
C ASN B 271 -16.46 -23.17 -19.63
N LEU B 272 -17.08 -22.97 -18.47
CA LEU B 272 -16.25 -22.51 -17.35
C LEU B 272 -15.14 -23.56 -17.01
N VAL B 273 -15.55 -24.84 -16.97
CA VAL B 273 -14.64 -25.93 -16.65
C VAL B 273 -13.56 -26.04 -17.74
N SER B 274 -14.00 -26.02 -19.00
CA SER B 274 -13.09 -26.12 -20.13
C SER B 274 -12.00 -25.09 -20.11
N TYR B 275 -12.34 -23.81 -19.96
CA TYR B 275 -11.29 -22.75 -19.82
C TYR B 275 -10.45 -22.88 -18.58
N ALA B 276 -11.03 -23.26 -17.46
CA ALA B 276 -10.17 -23.44 -16.26
C ALA B 276 -9.14 -24.52 -16.54
N ARG B 277 -9.61 -25.62 -17.14
CA ARG B 277 -8.68 -26.72 -17.48
C ARG B 277 -7.59 -26.27 -18.48
N ALA B 278 -7.99 -25.41 -19.42
CA ALA B 278 -7.06 -24.89 -20.43
C ALA B 278 -5.96 -24.01 -19.79
N PHE B 279 -6.27 -23.32 -18.68
CA PHE B 279 -5.28 -22.54 -17.92
C PHE B 279 -4.47 -23.44 -17.02
N GLY B 280 -4.81 -24.73 -16.97
CA GLY B 280 -4.06 -25.68 -16.14
C GLY B 280 -4.76 -26.49 -15.06
N TYR B 281 -6.04 -26.21 -14.77
CA TYR B 281 -6.81 -27.03 -13.81
C TYR B 281 -6.86 -28.49 -14.26
N GLY B 282 -6.57 -29.39 -13.29
CA GLY B 282 -6.45 -30.85 -13.53
C GLY B 282 -5.02 -31.30 -13.85
N THR B 283 -4.08 -30.38 -14.04
CA THR B 283 -2.70 -30.72 -14.35
C THR B 283 -1.81 -30.57 -13.12
N ALA B 284 -0.94 -31.55 -12.90
CA ALA B 284 -0.03 -31.46 -11.78
C ALA B 284 1.14 -30.65 -12.36
N LEU B 285 0.96 -29.34 -12.36
CA LEU B 285 1.91 -28.35 -12.91
C LEU B 285 3.30 -28.56 -12.36
N GLY B 286 4.29 -28.22 -13.21
CA GLY B 286 5.71 -28.31 -12.83
C GLY B 286 6.39 -29.39 -13.67
N GLN B 287 7.36 -28.98 -14.45
CA GLN B 287 8.07 -29.91 -15.28
C GLN B 287 8.96 -30.73 -14.36
N ASP B 288 9.32 -30.12 -13.24
CA ASP B 288 10.32 -30.74 -12.37
C ASP B 288 10.12 -30.53 -10.88
N PHE B 289 8.88 -30.32 -10.49
CA PHE B 289 8.55 -30.23 -9.07
C PHE B 289 7.10 -30.66 -8.99
N SER B 290 6.62 -31.08 -7.81
CA SER B 290 5.19 -31.54 -7.68
C SER B 290 4.28 -30.45 -7.23
N THR B 291 3.14 -30.33 -7.90
CA THR B 291 2.11 -29.40 -7.55
C THR B 291 0.90 -30.26 -7.55
N THR B 292 0.02 -30.06 -6.60
CA THR B 292 -1.23 -30.83 -6.53
C THR B 292 -2.13 -30.13 -7.54
N PRO B 293 -2.85 -30.88 -8.31
CA PRO B 293 -3.69 -30.26 -9.32
C PRO B 293 -4.86 -29.41 -8.79
N SER B 294 -5.14 -28.30 -9.47
CA SER B 294 -6.26 -27.44 -9.10
C SER B 294 -7.48 -28.15 -9.59
N LEU B 295 -8.53 -27.99 -8.82
CA LEU B 295 -9.74 -28.79 -8.99
C LEU B 295 -11.00 -28.06 -9.43
N MSE B 296 -11.71 -28.63 -10.39
CA MSE B 296 -12.99 -28.11 -10.79
C MSE B 296 -13.91 -29.29 -10.73
O MSE B 296 -13.46 -30.43 -10.80
CB MSE B 296 -13.03 -27.64 -12.25
CG MSE B 296 -12.44 -26.29 -12.62
SE MSE B 296 -13.17 -24.79 -11.53
CE MSE B 296 -14.81 -24.62 -12.66
N PRO B 297 -15.22 -29.06 -10.63
CA PRO B 297 -16.08 -30.25 -10.71
C PRO B 297 -16.31 -30.79 -12.11
N ASN B 298 -17.08 -31.87 -12.14
CA ASN B 298 -17.65 -32.48 -13.37
C ASN B 298 -18.76 -31.50 -13.74
N PRO B 299 -18.64 -30.86 -14.89
CA PRO B 299 -19.59 -29.81 -15.28
C PRO B 299 -21.04 -30.27 -15.29
N ALA B 300 -21.25 -31.52 -15.66
CA ALA B 300 -22.59 -32.12 -15.70
C ALA B 300 -23.18 -32.28 -14.29
N GLU B 301 -22.35 -32.30 -13.25
CA GLU B 301 -22.88 -32.39 -11.88
C GLU B 301 -23.19 -31.01 -11.30
N MSE B 302 -22.77 -29.92 -11.96
CA MSE B 302 -22.95 -28.59 -11.38
C MSE B 302 -24.33 -27.99 -11.47
O MSE B 302 -25.05 -28.25 -12.42
CB MSE B 302 -21.96 -27.61 -12.05
CG MSE B 302 -20.53 -27.93 -11.65
SE MSE B 302 -19.36 -26.67 -12.62
CE MSE B 302 -19.55 -25.17 -11.36
N THR B 303 -24.72 -27.21 -10.50
CA THR B 303 -26.03 -26.50 -10.55
C THR B 303 -25.80 -25.08 -10.95
N THR B 304 -26.89 -24.37 -11.20
CA THR B 304 -26.88 -23.00 -11.64
C THR B 304 -26.32 -22.08 -10.54
N TRP B 305 -26.84 -22.24 -9.32
CA TRP B 305 -26.26 -21.49 -8.20
C TRP B 305 -24.76 -21.82 -7.98
N GLU B 306 -24.44 -23.10 -8.08
CA GLU B 306 -23.08 -23.53 -7.88
C GLU B 306 -22.23 -22.86 -8.91
N LEU B 307 -22.72 -22.88 -10.14
CA LEU B 307 -21.98 -22.24 -11.20
C LEU B 307 -21.76 -20.75 -10.93
N ALA B 308 -22.79 -20.06 -10.48
CA ALA B 308 -22.67 -18.63 -10.28
C ALA B 308 -21.55 -18.27 -9.35
N TRP B 309 -21.45 -19.01 -8.25
CA TRP B 309 -20.39 -18.77 -7.27
C TRP B 309 -19.07 -19.27 -7.70
N ALA B 310 -19.05 -20.36 -8.43
CA ALA B 310 -17.74 -20.84 -8.88
C ALA B 310 -17.13 -19.80 -9.78
N SER B 311 -17.98 -19.14 -10.60
CA SER B 311 -17.46 -18.08 -11.53
C SER B 311 -16.79 -16.90 -10.74
N CYS B 312 -17.12 -16.80 -9.43
CA CYS B 312 -16.50 -15.82 -8.51
C CYS B 312 -15.39 -16.43 -7.63
N GLY B 313 -15.01 -17.68 -7.89
CA GLY B 313 -13.91 -18.28 -7.18
C GLY B 313 -14.24 -18.92 -5.84
N LEU B 314 -15.52 -19.19 -5.65
N LEU B 314 -15.48 -19.30 -5.67
CA LEU B 314 -16.04 -19.84 -4.43
CA LEU B 314 -15.96 -19.79 -4.39
C LEU B 314 -16.65 -21.20 -4.77
C LEU B 314 -16.72 -21.12 -4.59
N PRO B 315 -16.09 -22.24 -4.17
CA PRO B 315 -16.56 -23.61 -4.31
C PRO B 315 -17.73 -23.98 -3.39
N VAL B 316 -18.94 -24.16 -3.93
CA VAL B 316 -20.09 -24.55 -3.07
C VAL B 316 -20.71 -25.87 -3.46
N GLY B 317 -20.20 -26.54 -4.50
CA GLY B 317 -20.79 -27.78 -5.02
C GLY B 317 -20.89 -28.92 -4.02
N GLU B 318 -21.95 -29.71 -4.19
CA GLU B 318 -22.23 -30.89 -3.38
C GLU B 318 -22.57 -32.02 -4.33
N HIS B 319 -21.56 -32.82 -4.65
CA HIS B 319 -21.74 -33.90 -5.62
C HIS B 319 -20.59 -34.87 -5.58
N ALA B 320 -20.64 -35.87 -6.42
CA ALA B 320 -19.58 -36.89 -6.49
C ALA B 320 -18.21 -36.28 -6.72
N SER B 321 -18.10 -35.43 -7.74
CA SER B 321 -16.86 -34.75 -8.07
C SER B 321 -16.56 -33.64 -7.04
N PRO B 322 -15.29 -33.19 -6.94
CA PRO B 322 -14.96 -32.14 -5.99
C PRO B 322 -15.64 -30.79 -6.30
N ALA B 323 -15.75 -29.98 -5.25
CA ALA B 323 -16.24 -28.63 -5.41
C ALA B 323 -15.05 -27.82 -6.02
N GLY B 324 -15.34 -26.74 -6.73
CA GLY B 324 -14.30 -25.89 -7.29
C GLY B 324 -14.81 -24.51 -7.58
N PRO B 325 -13.91 -23.60 -7.88
CA PRO B 325 -12.49 -23.88 -7.97
C PRO B 325 -11.72 -24.05 -6.67
N GLN B 326 -10.80 -25.00 -6.66
CA GLN B 326 -9.83 -25.14 -5.56
C GLN B 326 -8.50 -24.99 -6.29
N THR B 327 -7.70 -24.00 -5.85
CA THR B 327 -6.45 -23.68 -6.52
C THR B 327 -5.24 -23.72 -5.63
N THR B 328 -4.12 -23.82 -6.28
CA THR B 328 -2.82 -23.58 -5.65
C THR B 328 -2.39 -22.15 -6.07
N VAL B 329 -1.47 -21.57 -5.30
CA VAL B 329 -0.85 -20.29 -5.63
C VAL B 329 -0.06 -20.40 -6.95
N MSE B 330 0.55 -21.54 -7.20
CA MSE B 330 1.26 -21.78 -8.45
C MSE B 330 0.28 -21.72 -9.61
O MSE B 330 0.51 -21.12 -10.68
CB MSE B 330 1.97 -23.15 -8.39
CG MSE B 330 2.69 -23.49 -9.69
SE MSE B 330 4.28 -22.32 -9.83
CE MSE B 330 5.36 -22.75 -8.23
N GLN B 331 -0.82 -22.38 -9.48
CA GLN B 331 -1.79 -22.33 -10.54
C GLN B 331 -2.20 -20.90 -10.80
N ASN B 332 -2.40 -20.14 -9.74
CA ASN B 332 -2.73 -18.73 -9.87
C ASN B 332 -1.70 -17.98 -10.65
N ALA B 333 -0.42 -18.22 -10.37
CA ALA B 333 0.68 -17.58 -11.14
C ALA B 333 0.61 -17.99 -12.63
N VAL B 334 0.25 -19.27 -12.90
CA VAL B 334 0.17 -19.79 -14.32
C VAL B 334 -0.97 -19.07 -15.12
N ILE B 335 -2.07 -18.75 -14.45
CA ILE B 335 -3.15 -17.96 -15.03
C ILE B 335 -2.71 -16.55 -15.40
N ALA B 336 -1.99 -15.88 -14.48
CA ALA B 336 -1.52 -14.52 -14.73
C ALA B 336 -0.51 -14.50 -15.84
N ALA B 337 0.35 -15.49 -15.84
CA ALA B 337 1.45 -15.58 -16.81
C ALA B 337 0.91 -15.80 -18.20
N ALA B 338 -0.13 -16.63 -18.29
CA ALA B 338 -0.74 -16.92 -19.57
C ALA B 338 -1.39 -15.65 -20.15
N ILE B 339 -1.97 -14.84 -19.28
CA ILE B 339 -2.64 -13.65 -19.74
C ILE B 339 -1.55 -12.69 -20.20
N ALA B 340 -0.50 -12.60 -19.42
CA ALA B 340 0.66 -11.76 -19.75
C ALA B 340 1.34 -12.21 -21.02
N ASN B 341 1.26 -13.51 -21.29
CA ASN B 341 1.91 -14.14 -22.42
C ASN B 341 1.03 -14.38 -23.65
N GLY B 342 0.20 -13.43 -23.98
CA GLY B 342 -0.65 -13.56 -25.14
C GLY B 342 -1.55 -14.78 -25.20
N GLY B 343 -1.86 -15.36 -24.04
CA GLY B 343 -2.73 -16.52 -23.89
C GLY B 343 -2.11 -17.90 -23.87
N VAL B 344 -0.81 -17.95 -24.06
CA VAL B 344 -0.06 -19.19 -24.09
C VAL B 344 0.39 -19.50 -22.68
N VAL B 345 -0.08 -20.65 -22.19
CA VAL B 345 0.20 -21.21 -20.89
C VAL B 345 1.52 -21.97 -20.90
N MSE B 346 2.34 -21.74 -19.92
CA MSE B 346 3.60 -22.49 -19.85
C MSE B 346 3.66 -23.43 -18.66
O MSE B 346 3.22 -23.11 -17.55
CB MSE B 346 4.72 -21.47 -19.87
CG MSE B 346 4.80 -20.46 -21.04
SE MSE B 346 5.06 -21.39 -22.76
CE MSE B 346 6.87 -22.16 -22.56
N ASN B 347 4.14 -24.64 -18.86
CA ASN B 347 4.34 -25.51 -17.70
C ASN B 347 5.48 -24.95 -16.87
N PRO B 348 5.19 -24.47 -15.65
CA PRO B 348 6.35 -23.92 -14.94
C PRO B 348 7.45 -24.93 -14.64
N TYR B 349 8.67 -24.43 -14.41
CA TYR B 349 9.80 -25.28 -14.12
C TYR B 349 10.69 -24.56 -13.18
N ILE B 350 11.52 -25.30 -12.46
CA ILE B 350 12.40 -24.64 -11.50
C ILE B 350 13.90 -25.07 -11.57
N VAL B 351 14.25 -25.95 -12.50
CA VAL B 351 15.60 -26.39 -12.68
C VAL B 351 16.06 -25.82 -13.99
N ASP B 352 17.11 -25.02 -13.99
CA ASP B 352 17.58 -24.40 -15.26
C ASP B 352 18.40 -25.42 -16.04
N ARG B 353 19.40 -25.99 -15.33
CA ARG B 353 20.34 -26.94 -15.90
C ARG B 353 20.96 -27.89 -14.86
N VAL B 354 21.54 -28.97 -15.39
CA VAL B 354 22.18 -29.98 -14.58
C VAL B 354 23.65 -29.93 -14.94
N LEU B 355 24.53 -30.00 -13.98
CA LEU B 355 25.97 -29.90 -14.29
C LEU B 355 26.74 -31.05 -13.75
N SER B 356 27.76 -31.48 -14.48
CA SER B 356 28.61 -32.59 -14.07
C SER B 356 29.53 -32.08 -13.00
N PRO B 357 30.11 -33.01 -12.24
CA PRO B 357 31.07 -32.62 -11.20
C PRO B 357 32.12 -31.64 -11.73
N GLU B 358 32.46 -31.79 -13.00
CA GLU B 358 33.47 -30.98 -13.64
C GLU B 358 33.03 -29.54 -13.96
N GLY B 359 31.86 -29.13 -13.52
CA GLY B 359 31.39 -27.77 -13.79
C GLY B 359 31.07 -27.59 -15.25
N ALA B 360 30.51 -28.64 -15.83
CA ALA B 360 30.11 -28.65 -17.25
C ALA B 360 28.62 -29.03 -17.40
N VAL B 361 27.96 -28.43 -18.40
CA VAL B 361 26.53 -28.64 -18.62
C VAL B 361 26.11 -30.03 -19.05
N VAL B 362 25.43 -30.73 -18.17
CA VAL B 362 24.92 -32.08 -18.47
C VAL B 362 23.64 -31.96 -19.29
N SER B 363 22.74 -31.05 -18.90
CA SER B 363 21.53 -30.76 -19.67
C SER B 363 20.97 -29.40 -19.28
N THR B 364 20.02 -28.96 -20.09
CA THR B 364 19.34 -27.68 -19.93
C THR B 364 17.83 -27.90 -20.09
N THR B 365 17.02 -27.23 -19.27
CA THR B 365 15.60 -27.38 -19.37
C THR B 365 15.07 -26.60 -20.54
N SER B 366 14.03 -27.12 -21.22
CA SER B 366 13.43 -26.37 -22.31
C SER B 366 12.07 -25.89 -21.83
N PRO B 367 11.73 -24.61 -22.10
CA PRO B 367 10.37 -24.23 -21.74
C PRO B 367 9.37 -25.04 -22.56
N LYS B 368 8.24 -25.42 -21.97
CA LYS B 368 7.18 -26.17 -22.67
C LYS B 368 5.82 -25.54 -22.49
N SER B 369 4.98 -25.50 -23.53
CA SER B 369 3.66 -24.91 -23.43
C SER B 369 2.59 -25.94 -23.10
N LEU B 370 1.52 -25.55 -22.41
CA LEU B 370 0.39 -26.45 -22.08
C LEU B 370 -0.78 -26.16 -23.00
N GLY B 371 -0.56 -25.33 -24.00
CA GLY B 371 -1.60 -24.98 -24.95
C GLY B 371 -1.98 -23.53 -24.89
N GLN B 372 -2.89 -23.13 -25.76
CA GLN B 372 -3.28 -21.74 -25.77
C GLN B 372 -4.68 -21.70 -25.21
N ALA B 373 -4.75 -21.18 -23.99
CA ALA B 373 -6.01 -21.08 -23.27
C ALA B 373 -6.97 -20.12 -23.91
N VAL B 374 -6.49 -18.96 -24.37
CA VAL B 374 -7.41 -18.00 -25.03
C VAL B 374 -6.58 -17.34 -26.13
N SER B 375 -7.26 -16.64 -27.06
CA SER B 375 -6.54 -16.00 -28.15
C SER B 375 -5.73 -14.83 -27.69
N ALA B 376 -4.77 -14.41 -28.49
CA ALA B 376 -3.95 -13.25 -28.14
C ALA B 376 -4.82 -12.02 -27.96
N ASP B 377 -5.88 -11.90 -28.77
CA ASP B 377 -6.79 -10.74 -28.69
C ASP B 377 -7.45 -10.75 -27.33
N THR B 378 -7.97 -11.91 -26.92
CA THR B 378 -8.62 -12.06 -25.61
C THR B 378 -7.66 -11.72 -24.49
N ALA B 379 -6.46 -12.26 -24.51
CA ALA B 379 -5.51 -11.93 -23.46
C ALA B 379 -5.24 -10.42 -23.31
N ALA B 380 -5.15 -9.69 -24.41
CA ALA B 380 -4.91 -8.23 -24.40
C ALA B 380 -6.01 -7.48 -23.63
N GLN B 381 -7.25 -7.88 -23.89
CA GLN B 381 -8.40 -7.33 -23.19
C GLN B 381 -8.35 -7.69 -21.71
N VAL B 382 -7.97 -8.92 -21.38
CA VAL B 382 -7.91 -9.29 -19.97
C VAL B 382 -6.84 -8.48 -19.29
N ARG B 383 -5.68 -8.31 -19.96
CA ARG B 383 -4.60 -7.52 -19.42
C ARG B 383 -5.07 -6.07 -19.15
N GLU B 384 -5.76 -5.48 -20.13
CA GLU B 384 -6.32 -4.13 -19.93
C GLU B 384 -7.32 -4.12 -18.70
N ALA B 385 -8.18 -5.13 -18.55
CA ALA B 385 -9.08 -5.14 -17.43
C ALA B 385 -8.30 -5.20 -16.09
N MSE B 386 -7.20 -5.97 -16.06
CA MSE B 386 -6.36 -6.12 -14.87
C MSE B 386 -5.60 -4.85 -14.49
O MSE B 386 -5.32 -4.60 -13.30
CB MSE B 386 -5.34 -7.26 -15.12
CG MSE B 386 -6.01 -8.57 -14.94
SE MSE B 386 -4.96 -10.20 -15.42
CE MSE B 386 -4.73 -10.87 -13.58
N LEU B 387 -5.22 -4.05 -15.51
CA LEU B 387 -4.59 -2.78 -15.26
C LEU B 387 -5.60 -1.87 -14.50
N GLY B 388 -6.89 -1.99 -14.88
CA GLY B 388 -8.03 -1.27 -14.25
C GLY B 388 -8.18 -1.54 -12.75
N VAL B 389 -8.02 -2.81 -12.40
CA VAL B 389 -8.12 -3.28 -11.04
C VAL B 389 -7.16 -2.52 -10.20
N VAL B 390 -5.93 -2.38 -10.72
CA VAL B 390 -4.86 -1.72 -9.98
C VAL B 390 -4.91 -0.20 -10.10
N GLU B 391 -5.28 0.31 -11.25
CA GLU B 391 -5.32 1.76 -11.41
C GLU B 391 -6.51 2.46 -10.74
N SER B 392 -7.68 1.83 -10.69
CA SER B 392 -8.84 2.47 -10.09
C SER B 392 -9.77 1.54 -9.37
N GLY B 393 -9.32 0.33 -9.09
CA GLY B 393 -10.21 -0.62 -8.45
C GLY B 393 -9.70 -1.16 -7.12
N THR B 394 -10.00 -2.42 -6.85
CA THR B 394 -9.65 -3.07 -5.58
C THR B 394 -8.16 -3.34 -5.40
N GLY B 395 -7.38 -3.25 -6.48
CA GLY B 395 -5.92 -3.45 -6.39
C GLY B 395 -5.03 -2.24 -6.38
N MSE B 396 -5.56 -1.08 -5.99
CA MSE B 396 -4.79 0.19 -5.93
C MSE B 396 -3.67 0.08 -4.95
O MSE B 396 -2.61 0.76 -5.08
CB MSE B 396 -5.69 1.39 -5.60
CG MSE B 396 -6.60 1.64 -6.81
SE MSE B 396 -7.64 3.29 -6.49
CE MSE B 396 -6.27 4.58 -7.02
N GLY B 397 -3.86 -0.81 -3.97
CA GLY B 397 -2.82 -1.10 -2.99
C GLY B 397 -1.56 -1.72 -3.57
N ALA B 398 -1.67 -2.27 -4.79
CA ALA B 398 -0.52 -2.85 -5.46
C ALA B 398 0.23 -1.83 -6.36
N ARG B 399 -0.22 -0.59 -6.38
CA ARG B 399 0.42 0.40 -7.22
C ARG B 399 1.80 0.76 -6.78
N VAL B 400 2.67 0.95 -7.76
CA VAL B 400 4.02 1.33 -7.53
C VAL B 400 4.38 2.52 -8.44
N PRO B 401 4.81 3.63 -7.84
CA PRO B 401 5.16 4.78 -8.67
C PRO B 401 6.25 4.43 -9.70
N GLY B 402 6.10 4.87 -10.95
CA GLY B 402 7.13 4.63 -11.99
C GLY B 402 6.97 3.31 -12.73
N VAL B 403 6.06 2.49 -12.28
CA VAL B 403 5.85 1.23 -12.93
C VAL B 403 4.37 0.94 -13.00
N LYS B 404 3.93 0.53 -14.19
CA LYS B 404 2.55 0.22 -14.44
C LYS B 404 2.38 -1.26 -14.11
N ILE B 405 1.48 -1.54 -13.15
CA ILE B 405 1.21 -2.88 -12.62
C ILE B 405 -0.24 -3.22 -12.85
N ALA B 406 -0.45 -4.43 -13.29
CA ALA B 406 -1.77 -4.98 -13.52
C ALA B 406 -1.99 -6.25 -12.70
N GLY B 407 -3.25 -6.51 -12.34
CA GLY B 407 -3.53 -7.73 -11.58
C GLY B 407 -4.99 -7.91 -11.24
N LYS B 408 -5.25 -8.87 -10.36
CA LYS B 408 -6.58 -9.13 -9.85
C LYS B 408 -6.44 -9.62 -8.41
N THR B 409 -7.29 -9.06 -7.57
CA THR B 409 -7.36 -9.37 -6.17
C THR B 409 -8.47 -10.39 -5.90
N GLY B 410 -8.42 -10.94 -4.69
CA GLY B 410 -9.37 -11.85 -4.16
C GLY B 410 -9.32 -11.87 -2.63
N THR B 411 -10.47 -12.21 -2.03
CA THR B 411 -10.61 -12.34 -0.63
C THR B 411 -11.61 -13.53 -0.38
N ALA B 412 -11.22 -14.50 0.43
CA ALA B 412 -12.06 -15.73 0.63
C ALA B 412 -12.21 -16.09 2.06
N ASP B 413 -13.44 -16.33 2.48
CA ASP B 413 -13.70 -16.72 3.86
C ASP B 413 -13.27 -18.14 4.06
N VAL B 414 -12.67 -18.42 5.23
CA VAL B 414 -12.28 -19.79 5.60
C VAL B 414 -12.97 -20.13 6.94
N GLU B 415 -12.38 -21.02 7.72
CA GLU B 415 -12.95 -21.43 9.00
C GLU B 415 -12.81 -20.39 10.10
N ASN B 416 -13.62 -20.52 11.14
CA ASN B 416 -13.60 -19.63 12.29
C ASN B 416 -13.62 -18.13 12.00
N GLY B 417 -14.33 -17.73 10.94
CA GLY B 417 -14.45 -16.31 10.58
C GLY B 417 -13.17 -15.65 10.09
N ASN B 418 -12.26 -16.46 9.55
CA ASN B 418 -11.03 -15.91 9.04
C ASN B 418 -11.20 -15.84 7.56
N PHE B 419 -10.33 -15.09 6.91
CA PHE B 419 -10.33 -15.04 5.47
C PHE B 419 -8.88 -14.87 5.00
N ASN B 420 -8.66 -15.27 3.76
CA ASN B 420 -7.38 -15.18 3.08
C ASN B 420 -7.39 -14.09 2.01
N SER B 421 -6.26 -13.50 1.72
CA SER B 421 -6.18 -12.43 0.77
C SER B 421 -5.28 -12.85 -0.41
N PHE B 422 -5.80 -12.72 -1.64
CA PHE B 422 -5.09 -13.11 -2.87
C PHE B 422 -4.74 -11.91 -3.78
N PHE B 423 -3.72 -12.11 -4.56
CA PHE B 423 -3.36 -11.20 -5.60
C PHE B 423 -2.58 -11.96 -6.66
N ILE B 424 -2.96 -11.79 -7.93
CA ILE B 424 -2.18 -12.29 -9.04
C ILE B 424 -1.89 -11.06 -9.88
N GLY B 425 -0.67 -10.94 -10.37
CA GLY B 425 -0.36 -9.73 -11.16
C GLY B 425 0.82 -9.86 -12.07
N PHE B 426 1.12 -8.79 -12.84
CA PHE B 426 2.20 -8.83 -13.79
C PHE B 426 2.78 -7.45 -14.04
N ALA B 427 4.02 -7.42 -14.48
CA ALA B 427 4.67 -6.13 -14.70
C ALA B 427 5.97 -6.23 -15.51
N PRO B 428 6.33 -5.16 -16.27
CA PRO B 428 5.51 -3.93 -16.42
C PRO B 428 4.34 -4.29 -17.31
N TYR B 429 3.30 -3.47 -17.31
CA TYR B 429 2.10 -3.71 -18.11
C TYR B 429 2.38 -3.89 -19.59
N ASP B 430 3.20 -3.00 -20.16
CA ASP B 430 3.62 -3.11 -21.56
C ASP B 430 4.86 -4.03 -21.55
N HIS B 431 4.79 -5.15 -22.25
N HIS B 431 4.77 -5.13 -22.28
CA HIS B 431 5.91 -6.11 -22.32
CA HIS B 431 5.80 -6.18 -22.40
C HIS B 431 6.24 -6.63 -20.92
C HIS B 431 6.22 -6.70 -21.02
N PRO B 432 5.32 -7.43 -20.34
CA PRO B 432 5.58 -7.93 -18.99
C PRO B 432 6.77 -8.86 -18.87
N THR B 433 7.54 -8.73 -17.83
CA THR B 433 8.66 -9.64 -17.62
C THR B 433 8.51 -10.49 -16.34
N LEU B 434 7.67 -10.05 -15.41
CA LEU B 434 7.46 -10.77 -14.19
C LEU B 434 5.98 -10.87 -13.85
N VAL B 435 5.65 -12.02 -13.28
CA VAL B 435 4.38 -12.36 -12.72
C VAL B 435 4.53 -12.70 -11.23
N VAL B 436 3.54 -12.29 -10.41
CA VAL B 436 3.50 -12.60 -9.00
C VAL B 436 2.14 -13.23 -8.65
N SER B 437 2.17 -14.15 -7.69
CA SER B 437 0.95 -14.80 -7.18
C SER B 437 1.13 -14.85 -5.66
N VAL B 438 0.15 -14.33 -4.93
CA VAL B 438 0.24 -14.27 -3.48
C VAL B 438 -0.99 -14.73 -2.74
N VAL B 439 -0.78 -15.35 -1.57
CA VAL B 439 -1.83 -15.55 -0.64
C VAL B 439 -1.32 -15.19 0.73
N ILE B 440 -2.04 -14.31 1.40
CA ILE B 440 -1.80 -14.03 2.80
C ILE B 440 -3.04 -14.59 3.55
N GLU B 441 -2.77 -15.55 4.45
CA GLU B 441 -3.77 -16.16 5.25
C GLU B 441 -4.06 -15.32 6.50
N GLY B 442 -5.33 -15.13 6.80
CA GLY B 442 -5.72 -14.33 7.94
C GLY B 442 -5.28 -14.94 9.25
N ASN B 443 -5.76 -16.17 9.49
CA ASN B 443 -5.62 -16.91 10.76
C ASN B 443 -5.69 -16.30 12.17
N GLY B 444 -6.68 -15.45 12.36
CA GLY B 444 -6.79 -14.62 13.55
C GLY B 444 -6.64 -13.13 13.30
N GLU B 445 -6.25 -12.73 12.09
CA GLU B 445 -6.08 -11.29 11.79
C GLU B 445 -6.81 -10.92 10.51
N ASN B 446 -7.32 -9.71 10.45
CA ASN B 446 -8.00 -9.23 9.27
C ASN B 446 -6.89 -8.84 8.32
N VAL B 447 -6.87 -9.46 7.14
CA VAL B 447 -5.81 -9.15 6.19
C VAL B 447 -6.39 -8.61 4.88
N LEU B 448 -7.49 -7.90 5.02
CA LEU B 448 -8.15 -7.36 3.84
C LEU B 448 -7.20 -6.48 3.01
N GLY B 449 -6.97 -6.89 1.77
CA GLY B 449 -6.16 -6.15 0.83
C GLY B 449 -4.67 -6.33 0.94
N TYR B 450 -4.23 -7.24 1.82
CA TYR B 450 -2.81 -7.46 2.05
C TYR B 450 -2.20 -8.12 0.83
N GLY B 451 -2.99 -8.99 0.17
CA GLY B 451 -2.51 -9.65 -1.04
C GLY B 451 -1.92 -8.64 -2.02
N ALA B 452 -2.67 -7.61 -2.33
CA ALA B 452 -2.20 -6.61 -3.29
C ALA B 452 -0.98 -5.80 -2.84
N GLN B 453 -0.97 -5.37 -1.56
CA GLN B 453 0.17 -4.57 -1.07
C GLN B 453 1.47 -5.38 -1.16
N VAL B 454 1.39 -6.66 -0.79
CA VAL B 454 2.56 -7.58 -0.85
C VAL B 454 2.97 -7.82 -2.33
N GLY B 455 1.99 -8.03 -3.21
CA GLY B 455 2.31 -8.25 -4.63
C GLY B 455 3.02 -7.10 -5.33
N GLY B 456 2.54 -5.88 -5.08
CA GLY B 456 3.12 -4.68 -5.66
C GLY B 456 4.52 -4.52 -5.19
N ARG B 457 4.72 -4.70 -3.89
CA ARG B 457 6.04 -4.57 -3.30
C ARG B 457 7.07 -5.58 -3.92
N VAL B 458 6.68 -6.83 -4.00
CA VAL B 458 7.56 -7.87 -4.52
C VAL B 458 7.89 -7.60 -6.01
N LEU B 459 6.85 -7.26 -6.80
CA LEU B 459 7.01 -6.97 -8.23
C LEU B 459 7.98 -5.82 -8.41
N ALA B 460 7.74 -4.72 -7.74
CA ALA B 460 8.62 -3.57 -7.83
C ALA B 460 10.07 -3.88 -7.37
N GLN B 461 10.22 -4.65 -6.28
CA GLN B 461 11.58 -5.01 -5.80
C GLN B 461 12.25 -5.99 -6.77
N CYS B 462 11.48 -6.95 -7.31
CA CYS B 462 12.03 -7.88 -8.28
C CYS B 462 12.40 -7.14 -9.61
N LEU B 463 11.64 -6.13 -10.01
CA LEU B 463 11.95 -5.37 -11.22
C LEU B 463 13.30 -4.68 -11.12
N ASN B 464 13.59 -4.06 -9.97
CA ASN B 464 14.88 -3.37 -9.79
C ASN B 464 15.97 -4.40 -9.87
N ILE B 465 15.67 -5.58 -9.32
CA ILE B 465 16.63 -6.67 -9.36
C ILE B 465 16.90 -6.94 -10.83
N GLN B 466 15.84 -7.22 -11.62
CA GLN B 466 15.95 -7.41 -13.09
C GLN B 466 16.73 -6.31 -13.78
N ALA B 467 16.48 -5.04 -13.41
CA ALA B 467 17.20 -3.90 -14.03
C ALA B 467 18.69 -3.97 -13.77
N LEU B 468 19.09 -4.32 -12.55
CA LEU B 468 20.53 -4.43 -12.23
C LEU B 468 21.31 -5.09 -13.38
O8 PNM C . -15.55 12.32 10.79
C7 PNM C . -16.23 12.02 11.77
N4 PNM C . -16.03 9.47 11.38
C3 PNM C . -15.83 9.13 9.99
C11 PNM C . -14.42 8.75 9.71
O13 PNM C . -13.98 8.81 8.56
O12 PNM C . -13.71 8.39 10.69
C2 PNM C . -16.88 8.05 9.77
C10 PNM C . -16.37 6.71 10.24
C9 PNM C . -17.20 7.96 8.29
S1 PNM C . -18.32 8.58 10.72
C5 PNM C . -17.40 9.75 11.74
C6 PNM C . -17.56 11.29 11.55
N14 PNM C . -18.15 11.74 10.29
C15 PNM C . -19.48 11.84 10.20
O16 PNM C . -20.21 11.39 11.04
C17 PNM C . -20.08 12.64 9.05
C18 PNM C . -19.96 11.97 7.70
C19 PNM C . -19.96 12.76 6.54
C20 PNM C . -19.91 12.15 5.28
C21 PNM C . -19.84 10.77 5.16
C22 PNM C . -19.84 9.98 6.30
C23 PNM C . -19.89 10.58 7.55
O8 PNM D . -12.48 -11.89 -3.78
C7 PNM D . -13.68 -11.96 -4.24
N4 PNM D . -13.36 -9.41 -4.14
C3 PNM D . -12.56 -9.10 -3.00
C11 PNM D . -11.21 -8.69 -3.44
O13 PNM D . -11.02 -8.27 -4.62
O12 PNM D . -10.33 -8.77 -2.58
C2 PNM D . -13.37 -7.99 -2.30
C10 PNM D . -12.99 -6.63 -2.80
C9 PNM D . -13.13 -7.94 -0.82
S1 PNM D . -15.07 -8.48 -2.59
C5 PNM D . -14.73 -9.70 -3.88
C6 PNM D . -14.83 -11.21 -3.56
N14 PNM D . -14.86 -11.54 -2.13
C15 PNM D . -16.00 -11.62 -1.43
O16 PNM D . -17.09 -11.23 -1.85
C17 PNM D . -15.97 -12.33 -0.09
C18 PNM D . -15.16 -11.67 1.04
C19 PNM D . -15.04 -10.29 1.16
C20 PNM D . -14.31 -9.72 2.22
C21 PNM D . -13.73 -10.53 3.17
C22 PNM D . -13.86 -11.91 3.07
C23 PNM D . -14.58 -12.48 2.02
#